data_3PP7
#
_entry.id   3PP7
#
_cell.length_a   123.770
_cell.length_b   129.480
_cell.length_c   165.750
_cell.angle_alpha   90.00
_cell.angle_beta   90.00
_cell.angle_gamma   90.00
#
_symmetry.space_group_name_H-M   'I 2 2 2'
#
loop_
_entity.id
_entity.type
_entity.pdbx_description
1 polymer 'Pyruvate kinase'
2 non-polymer 'pyrene-1,3,6,8-tetrasulfonic acid'
3 non-polymer GLYCEROL
4 non-polymer 'POTASSIUM ION'
5 non-polymer "8,8'-[CARBONYLBIS[IMINO-3,1-PHENYLENECARBONYLIMINO(4-METHYL-3,1-PHENYLENE)CARBONYLIMINO]]BIS-1,3,5-NAPHTHALENETRISULFON IC ACID"
6 water water
#
_entity_poly.entity_id   1
_entity_poly.type   'polypeptide(L)'
_entity_poly.pdbx_seq_one_letter_code
;SQLAHNLTLSIFDPVANYRAARIICTIGPSTQSVEALKGLIQSGMSVARMNFSHGSHEYHQTTINNVRQAAAELGVNIAI
ALDTKGPEIRTGQFVGGDAVMERGATCYVTTDPAFADKGTKDKFYIDYQNLSKVVRPGNYIYIDDGILILQVQSHEDEQT
LECTVTNSHTISDRRGVNLPGCDVDLPAVSAKDRVDLQFGVEQGVDMIFASFIRSAEQVGDVRKALGPKGRDIMIICKIE
NHQGVQNIDSIIEESDGIMVARGDLGVEIPAEKVVVAQKILISKCNVAGKPVICATQMLESMTYNPRPTRAEVSDVANAV
FNGADCVMLSGETAKGKYPNEVVQYMARICLEAQSALNEYVFFNSIKKLQHIPMSADEAVCSSAVNSVYETKAKAMVVLS
NTGRSARLVAKYRPNCPIVCVTTRLQTCRQLNITQGVESVFFDADKLGHDEGKEHRVAAGVEFAKSKGYVQTGDYCVVIH
ADHKVKGYANQTRILLVE
;
_entity_poly.pdbx_strand_id   A,B
#
# COMPACT_ATOMS: atom_id res chain seq x y z
N SER A 1 11.78 0.86 -16.24
CA SER A 1 10.83 1.41 -15.22
C SER A 1 10.20 0.28 -14.38
N GLN A 2 9.60 0.63 -13.24
CA GLN A 2 8.88 -0.35 -12.45
C GLN A 2 7.68 -0.90 -13.24
N LEU A 3 6.98 0.00 -13.92
CA LEU A 3 5.83 -0.36 -14.74
C LEU A 3 6.23 -1.40 -15.79
N ALA A 4 7.37 -1.20 -16.45
CA ALA A 4 7.84 -2.11 -17.50
C ALA A 4 8.22 -3.45 -16.90
N HIS A 5 8.86 -3.42 -15.74
CA HIS A 5 9.17 -4.63 -14.98
C HIS A 5 7.90 -5.45 -14.64
N ASN A 6 6.87 -4.78 -14.13
CA ASN A 6 5.59 -5.42 -13.77
C ASN A 6 5.02 -6.28 -14.90
N LEU A 7 5.17 -5.81 -16.13
CA LEU A 7 4.68 -6.52 -17.30
C LEU A 7 5.28 -7.92 -17.41
N THR A 8 6.53 -8.08 -16.99
CA THR A 8 7.27 -9.33 -17.18
C THR A 8 7.15 -10.30 -16.03
N LEU A 9 6.50 -9.90 -14.94
CA LEU A 9 6.43 -10.74 -13.76
C LEU A 9 5.37 -11.85 -13.86
N SER A 10 5.64 -12.95 -13.18
CA SER A 10 4.70 -14.04 -13.03
C SER A 10 4.74 -14.40 -11.57
N ILE A 11 3.59 -14.33 -10.90
CA ILE A 11 3.52 -14.62 -9.46
C ILE A 11 3.88 -16.07 -9.10
N PHE A 12 3.91 -16.96 -10.11
CA PHE A 12 4.36 -18.35 -9.89
C PHE A 12 5.87 -18.54 -10.05
N ASP A 13 6.57 -17.52 -10.55
CA ASP A 13 8.04 -17.55 -10.65
C ASP A 13 8.64 -17.70 -9.24
N PRO A 14 9.80 -18.38 -9.13
CA PRO A 14 10.41 -18.54 -7.81
C PRO A 14 10.91 -17.23 -7.22
N VAL A 15 10.81 -17.09 -5.90
CA VAL A 15 11.30 -15.89 -5.21
C VAL A 15 12.83 -15.86 -5.21
N ALA A 16 13.41 -14.71 -4.87
CA ALA A 16 14.86 -14.54 -4.85
C ALA A 16 15.54 -15.44 -3.82
N ASN A 17 16.84 -15.70 -4.02
CA ASN A 17 17.58 -16.56 -3.09
C ASN A 17 18.07 -15.84 -1.82
N TYR A 18 17.57 -14.60 -1.62
CA TYR A 18 17.93 -13.77 -0.48
C TYR A 18 16.90 -12.67 -0.21
N ARG A 19 16.69 -12.39 1.07
CA ARG A 19 15.84 -11.29 1.50
C ARG A 19 16.70 -10.09 1.84
N ALA A 20 16.53 -9.02 1.07
CA ALA A 20 17.28 -7.78 1.30
C ALA A 20 16.78 -6.99 2.54
N ALA A 21 15.47 -6.87 2.71
CA ALA A 21 14.93 -6.05 3.82
C ALA A 21 15.20 -6.68 5.18
N ARG A 22 15.19 -5.85 6.22
CA ARG A 22 15.55 -6.30 7.57
C ARG A 22 14.41 -6.09 8.55
N ILE A 23 14.31 -7.00 9.52
CA ILE A 23 13.18 -7.03 10.42
C ILE A 23 13.64 -6.71 11.83
N ILE A 24 13.02 -5.68 12.40
CA ILE A 24 13.23 -5.30 13.78
C ILE A 24 12.07 -5.82 14.61
N CYS A 25 12.40 -6.44 15.75
CA CYS A 25 11.38 -7.00 16.64
C CYS A 25 11.46 -6.41 18.04
N THR A 26 10.33 -5.94 18.54
CA THR A 26 10.23 -5.47 19.91
C THR A 26 10.11 -6.67 20.84
N ILE A 27 10.96 -6.69 21.86
CA ILE A 27 10.98 -7.76 22.85
C ILE A 27 10.04 -7.44 24.02
N GLY A 28 9.26 -8.44 24.43
CA GLY A 28 8.38 -8.32 25.59
C GLY A 28 8.21 -9.66 26.28
N PRO A 29 7.16 -9.80 27.12
CA PRO A 29 6.91 -11.06 27.84
C PRO A 29 6.87 -12.28 26.92
N SER A 30 6.26 -12.13 25.74
CA SER A 30 6.13 -13.20 24.75
C SER A 30 7.48 -13.71 24.23
N THR A 31 8.53 -12.90 24.36
CA THR A 31 9.78 -13.14 23.64
C THR A 31 11.09 -12.91 24.39
N GLN A 32 11.05 -12.59 25.68
CA GLN A 32 12.28 -12.27 26.41
C GLN A 32 13.21 -13.46 26.72
N SER A 33 12.69 -14.68 26.79
CA SER A 33 13.54 -15.84 27.13
C SER A 33 14.48 -16.23 25.99
N VAL A 34 15.60 -16.87 26.33
CA VAL A 34 16.58 -17.26 25.31
C VAL A 34 16.00 -18.12 24.20
N GLU A 35 15.17 -19.10 24.53
CA GLU A 35 14.54 -19.94 23.50
C GLU A 35 13.55 -19.18 22.60
N ALA A 36 12.85 -18.21 23.19
CA ALA A 36 11.94 -17.37 22.42
C ALA A 36 12.73 -16.49 21.44
N LEU A 37 13.76 -15.83 21.96
CA LEU A 37 14.67 -15.02 21.14
C LEU A 37 15.32 -15.85 20.05
N LYS A 38 15.68 -17.08 20.38
CA LYS A 38 16.23 -18.04 19.42
C LYS A 38 15.21 -18.31 18.32
N GLY A 39 13.95 -18.51 18.70
CA GLY A 39 12.85 -18.65 17.75
C GLY A 39 12.74 -17.42 16.86
N LEU A 40 12.80 -16.25 17.47
CA LEU A 40 12.79 -14.98 16.74
C LEU A 40 13.92 -14.83 15.69
N ILE A 41 15.15 -15.18 16.07
CA ILE A 41 16.30 -15.08 15.17
C ILE A 41 16.15 -15.98 13.93
N GLN A 42 15.85 -17.26 14.15
CA GLN A 42 15.64 -18.23 13.07
C GLN A 42 14.42 -17.87 12.21
N SER A 43 13.47 -17.15 12.81
CA SER A 43 12.29 -16.65 12.11
C SER A 43 12.60 -15.47 11.17
N GLY A 44 13.65 -14.72 11.49
CA GLY A 44 14.10 -13.61 10.63
C GLY A 44 14.44 -12.29 11.32
N MET A 45 14.50 -12.27 12.65
CA MET A 45 14.85 -11.05 13.36
C MET A 45 16.31 -10.67 13.17
N SER A 46 16.56 -9.41 12.81
CA SER A 46 17.93 -8.87 12.76
C SER A 46 18.23 -7.90 13.90
N VAL A 47 17.21 -7.25 14.42
CA VAL A 47 17.39 -6.26 15.48
C VAL A 47 16.41 -6.50 16.62
N ALA A 48 16.95 -6.52 17.84
CA ALA A 48 16.14 -6.56 19.05
C ALA A 48 15.86 -5.14 19.53
N ARG A 49 14.58 -4.76 19.51
CA ARG A 49 14.18 -3.46 20.03
C ARG A 49 13.74 -3.57 21.49
N MET A 50 14.33 -2.72 22.31
CA MET A 50 13.92 -2.58 23.70
C MET A 50 13.14 -1.28 23.79
N ASN A 51 11.88 -1.39 24.17
CA ASN A 51 11.02 -0.23 24.34
C ASN A 51 11.09 0.29 25.76
N PHE A 52 11.83 1.39 25.96
CA PHE A 52 12.06 1.94 27.29
C PHE A 52 10.92 2.81 27.82
N SER A 53 9.80 2.84 27.08
CA SER A 53 8.57 3.40 27.63
C SER A 53 8.04 2.58 28.82
N HIS A 54 8.38 1.29 28.87
N HIS A 54 8.36 1.28 28.85
CA HIS A 54 8.05 0.42 29.98
CA HIS A 54 7.98 0.37 29.94
C HIS A 54 9.31 -0.28 30.48
C HIS A 54 9.13 -0.59 30.31
N GLY A 55 9.15 -1.02 31.58
CA GLY A 55 10.23 -1.88 32.09
C GLY A 55 11.35 -1.15 32.80
N SER A 56 11.91 -1.79 33.82
CA SER A 56 13.05 -1.25 34.56
C SER A 56 14.37 -1.58 33.85
N HIS A 57 15.46 -0.99 34.34
CA HIS A 57 16.81 -1.33 33.87
C HIS A 57 17.10 -2.82 34.03
N GLU A 58 16.56 -3.42 35.09
CA GLU A 58 16.71 -4.85 35.38
C GLU A 58 16.05 -5.69 34.30
N TYR A 59 14.86 -5.27 33.86
CA TYR A 59 14.12 -5.95 32.78
C TYR A 59 14.88 -5.91 31.45
N HIS A 60 15.43 -4.75 31.10
CA HIS A 60 16.11 -4.63 29.81
C HIS A 60 17.51 -5.26 29.80
N GLN A 61 18.16 -5.26 30.95
CA GLN A 61 19.39 -6.02 31.15
C GLN A 61 19.15 -7.50 30.87
N THR A 62 17.99 -7.98 31.30
CA THR A 62 17.59 -9.36 31.02
C THR A 62 17.43 -9.56 29.50
N THR A 63 16.80 -8.60 28.84
CA THR A 63 16.70 -8.63 27.36
C THR A 63 18.09 -8.60 26.72
N ILE A 64 18.94 -7.66 27.13
CA ILE A 64 20.30 -7.55 26.59
C ILE A 64 21.06 -8.87 26.73
N ASN A 65 21.13 -9.38 27.97
CA ASN A 65 21.84 -10.61 28.27
C ASN A 65 21.33 -11.76 27.43
N ASN A 66 20.01 -11.89 27.38
CA ASN A 66 19.37 -12.99 26.67
C ASN A 66 19.58 -12.94 25.16
N VAL A 67 19.59 -11.73 24.58
CA VAL A 67 19.83 -11.56 23.15
C VAL A 67 21.24 -12.05 22.80
N ARG A 68 22.25 -11.56 23.54
CA ARG A 68 23.63 -11.94 23.28
C ARG A 68 23.84 -13.45 23.41
N GLN A 69 23.15 -14.08 24.36
CA GLN A 69 23.24 -15.52 24.55
C GLN A 69 22.60 -16.28 23.38
N ALA A 70 21.36 -15.93 23.05
CA ALA A 70 20.64 -16.53 21.92
C ALA A 70 21.42 -16.43 20.60
N ALA A 71 22.01 -15.26 20.38
CA ALA A 71 22.81 -14.99 19.17
C ALA A 71 24.10 -15.82 19.13
N ALA A 72 24.85 -15.79 20.23
CA ALA A 72 26.05 -16.61 20.39
C ALA A 72 25.75 -18.10 20.19
N GLU A 73 24.67 -18.57 20.80
CA GLU A 73 24.26 -19.96 20.63
C GLU A 73 23.96 -20.32 19.18
N LEU A 74 23.44 -19.37 18.40
CA LEU A 74 23.18 -19.59 16.98
C LEU A 74 24.34 -19.14 16.08
N GLY A 75 25.39 -18.57 16.69
CA GLY A 75 26.56 -18.09 15.95
C GLY A 75 26.26 -16.99 14.95
N VAL A 76 25.38 -16.06 15.33
CA VAL A 76 25.05 -14.90 14.51
C VAL A 76 25.25 -13.58 15.28
N ASN A 77 25.11 -12.45 14.59
CA ASN A 77 25.21 -11.14 15.19
C ASN A 77 23.87 -10.40 15.11
N ILE A 78 23.31 -10.05 16.27
CA ILE A 78 22.05 -9.34 16.35
C ILE A 78 22.28 -7.95 16.94
N ALA A 79 21.72 -6.93 16.29
CA ALA A 79 21.82 -5.57 16.81
C ALA A 79 20.89 -5.40 18.00
N ILE A 80 21.26 -4.52 18.92
CA ILE A 80 20.40 -4.20 20.08
C ILE A 80 20.10 -2.71 20.05
N ALA A 81 18.81 -2.39 19.97
CA ALA A 81 18.34 -1.01 19.85
C ALA A 81 17.61 -0.56 21.11
N LEU A 82 17.96 0.63 21.60
CA LEU A 82 17.32 1.19 22.78
C LEU A 82 16.35 2.27 22.30
N ASP A 83 15.06 2.00 22.46
CA ASP A 83 14.02 2.92 22.00
C ASP A 83 13.56 3.74 23.20
N THR A 84 13.92 5.03 23.22
CA THR A 84 13.68 5.90 24.37
C THR A 84 12.22 6.30 24.54
N LYS A 85 11.82 6.51 25.80
CA LYS A 85 10.49 7.04 26.13
C LYS A 85 10.26 8.44 25.54
N GLY A 86 11.23 9.33 25.70
CA GLY A 86 11.15 10.69 25.18
C GLY A 86 10.31 11.67 25.99
N PRO A 87 10.35 12.97 25.64
CA PRO A 87 9.50 13.97 26.27
C PRO A 87 8.03 13.77 25.94
N GLU A 88 7.17 14.00 26.92
CA GLU A 88 5.75 13.81 26.77
C GLU A 88 4.94 14.97 27.34
N ILE A 89 3.76 15.16 26.77
CA ILE A 89 2.78 16.04 27.34
C ILE A 89 1.62 15.18 27.79
N ARG A 90 1.27 15.31 29.06
CA ARG A 90 0.17 14.55 29.64
C ARG A 90 -0.77 15.47 30.41
N THR A 91 -2.01 15.02 30.58
CA THR A 91 -2.93 15.68 31.52
C THR A 91 -2.53 15.33 32.94
N GLY A 92 -3.13 16.00 33.91
CA GLY A 92 -2.96 15.64 35.33
C GLY A 92 -3.92 14.56 35.76
N GLN A 93 -4.16 14.49 37.07
CA GLN A 93 -5.14 13.58 37.65
C GLN A 93 -6.52 14.21 37.69
N PHE A 94 -7.54 13.38 37.86
CA PHE A 94 -8.92 13.83 37.94
C PHE A 94 -9.62 13.36 39.21
N VAL A 95 -10.44 14.25 39.78
CA VAL A 95 -11.30 13.91 40.92
C VAL A 95 -12.20 12.73 40.55
N GLY A 96 -11.93 11.57 41.15
CA GLY A 96 -12.69 10.34 40.87
C GLY A 96 -12.10 9.47 39.77
N GLY A 97 -10.86 9.75 39.39
CA GLY A 97 -10.12 8.98 38.37
C GLY A 97 -10.63 9.11 36.94
N ASP A 98 -11.48 10.10 36.70
CA ASP A 98 -12.34 10.10 35.51
C ASP A 98 -12.92 11.48 35.20
N ALA A 99 -13.15 11.77 33.92
CA ALA A 99 -13.80 13.01 33.50
C ALA A 99 -14.61 12.86 32.21
N VAL A 100 -15.93 12.93 32.34
CA VAL A 100 -16.82 12.77 31.19
C VAL A 100 -16.96 14.08 30.41
N MET A 101 -16.26 14.13 29.28
CA MET A 101 -16.28 15.29 28.39
C MET A 101 -17.39 15.13 27.36
N GLU A 102 -18.14 16.21 27.12
CA GLU A 102 -19.34 16.15 26.28
C GLU A 102 -19.31 17.18 25.17
N ARG A 103 -19.72 16.76 23.96
CA ARG A 103 -19.73 17.66 22.81
C ARG A 103 -20.55 18.92 23.11
N GLY A 104 -20.00 20.06 22.72
CA GLY A 104 -20.66 21.34 22.94
C GLY A 104 -20.26 22.01 24.24
N ALA A 105 -19.88 21.19 25.24
CA ALA A 105 -19.47 21.70 26.54
C ALA A 105 -18.21 22.56 26.45
N THR A 106 -18.00 23.39 27.46
CA THR A 106 -16.83 24.24 27.57
C THR A 106 -15.97 23.76 28.73
N CYS A 107 -14.66 23.71 28.54
CA CYS A 107 -13.74 23.36 29.61
C CYS A 107 -12.54 24.29 29.66
N TYR A 108 -11.73 24.12 30.70
CA TYR A 108 -10.57 24.96 30.92
C TYR A 108 -9.36 24.10 31.17
N VAL A 109 -8.31 24.30 30.37
CA VAL A 109 -7.05 23.58 30.55
C VAL A 109 -6.00 24.52 31.14
N THR A 110 -5.37 24.08 32.22
CA THR A 110 -4.46 24.95 32.96
C THR A 110 -3.01 24.47 33.02
N THR A 111 -2.10 25.43 32.90
CA THR A 111 -0.67 25.22 33.10
C THR A 111 -0.32 25.22 34.60
N ASP A 112 -1.23 25.75 35.42
CA ASP A 112 -1.08 25.83 36.89
C ASP A 112 -1.03 24.45 37.55
N PRO A 113 0.11 24.12 38.19
CA PRO A 113 0.35 22.80 38.81
C PRO A 113 -0.57 22.48 39.97
N ALA A 114 -1.13 23.50 40.63
CA ALA A 114 -2.08 23.31 41.72
C ALA A 114 -3.23 22.37 41.35
N PHE A 115 -3.58 22.33 40.07
CA PHE A 115 -4.66 21.48 39.56
C PHE A 115 -4.21 20.10 39.07
N ALA A 116 -2.94 19.77 39.28
CA ALA A 116 -2.38 18.49 38.83
C ALA A 116 -3.11 17.28 39.41
N ASP A 117 -3.55 17.41 40.66
CA ASP A 117 -4.19 16.31 41.37
C ASP A 117 -5.69 16.48 41.65
N LYS A 118 -6.31 17.51 41.05
CA LYS A 118 -7.76 17.73 41.21
C LYS A 118 -8.45 18.33 39.97
N GLY A 119 -8.26 17.69 38.82
CA GLY A 119 -8.95 18.10 37.61
C GLY A 119 -10.37 17.60 37.56
N THR A 120 -11.21 18.31 36.81
CA THR A 120 -12.57 17.88 36.52
C THR A 120 -12.84 18.11 35.04
N LYS A 121 -14.02 17.69 34.59
CA LYS A 121 -14.49 17.97 33.23
C LYS A 121 -14.44 19.46 32.87
N ASP A 122 -14.49 20.33 33.89
CA ASP A 122 -14.56 21.77 33.71
C ASP A 122 -13.20 22.46 33.67
N LYS A 123 -12.26 21.95 34.45
CA LYS A 123 -10.90 22.51 34.52
C LYS A 123 -9.90 21.44 34.93
N PHE A 124 -8.87 21.25 34.11
CA PHE A 124 -7.83 20.25 34.39
C PHE A 124 -6.42 20.68 33.99
N TYR A 125 -5.45 19.95 34.51
CA TYR A 125 -4.04 20.24 34.33
C TYR A 125 -3.45 19.64 33.04
N ILE A 126 -2.55 20.38 32.41
CA ILE A 126 -1.68 19.88 31.34
C ILE A 126 -0.24 20.29 31.69
N ASP A 127 0.68 19.31 31.69
CA ASP A 127 2.01 19.48 32.27
C ASP A 127 3.08 20.22 31.44
N TYR A 128 2.70 20.68 30.25
CA TYR A 128 3.60 21.42 29.37
C TYR A 128 3.45 22.91 29.65
N GLN A 129 4.42 23.48 30.37
CA GLN A 129 4.30 24.84 30.90
C GLN A 129 4.23 25.96 29.87
N ASN A 130 4.80 25.72 28.69
CA ASN A 130 4.73 26.66 27.56
C ASN A 130 3.48 26.49 26.70
N LEU A 131 2.50 25.74 27.19
CA LEU A 131 1.28 25.42 26.43
C LEU A 131 0.56 26.64 25.85
N SER A 132 0.37 27.66 26.68
CA SER A 132 -0.42 28.84 26.31
C SER A 132 0.28 29.76 25.30
N LYS A 133 1.61 29.89 25.41
CA LYS A 133 2.38 30.73 24.48
C LYS A 133 2.66 30.06 23.13
N VAL A 134 2.33 28.77 23.03
CA VAL A 134 2.52 28.00 21.80
C VAL A 134 1.18 27.83 21.05
N VAL A 135 0.09 27.75 21.80
CA VAL A 135 -1.26 27.58 21.25
C VAL A 135 -1.95 28.93 21.04
N ARG A 136 -2.67 29.05 19.92
CA ARG A 136 -3.45 30.25 19.59
C ARG A 136 -4.92 29.87 19.52
N PRO A 137 -5.83 30.86 19.61
CA PRO A 137 -7.25 30.56 19.39
C PRO A 137 -7.49 29.98 17.99
N GLY A 138 -8.29 28.93 17.91
CA GLY A 138 -8.50 28.21 16.67
C GLY A 138 -7.78 26.86 16.64
N ASN A 139 -6.64 26.79 17.33
CA ASN A 139 -5.84 25.56 17.41
C ASN A 139 -6.55 24.41 18.12
N TYR A 140 -6.07 23.20 17.88
CA TYR A 140 -6.66 22.02 18.50
C TYR A 140 -5.73 21.37 19.52
N ILE A 141 -6.32 20.81 20.56
CA ILE A 141 -5.60 19.98 21.52
C ILE A 141 -6.19 18.59 21.41
N TYR A 142 -5.33 17.61 21.17
CA TYR A 142 -5.75 16.21 21.10
C TYR A 142 -5.38 15.55 22.41
N ILE A 143 -6.29 14.75 22.94
CA ILE A 143 -6.08 14.08 24.22
C ILE A 143 -6.47 12.61 24.11
N ASP A 144 -5.63 11.74 24.66
CA ASP A 144 -5.89 10.30 24.68
C ASP A 144 -5.84 9.71 23.26
N ASP A 145 -4.64 9.63 22.70
CA ASP A 145 -4.40 9.14 21.32
C ASP A 145 -5.27 9.88 20.28
N GLY A 146 -5.53 11.16 20.54
CA GLY A 146 -6.34 11.99 19.66
C GLY A 146 -7.81 11.62 19.59
N ILE A 147 -8.28 10.81 20.54
CA ILE A 147 -9.70 10.45 20.60
C ILE A 147 -10.54 11.67 21.02
N LEU A 148 -10.11 12.36 22.08
CA LEU A 148 -10.75 13.61 22.51
C LEU A 148 -10.10 14.80 21.81
N ILE A 149 -10.92 15.60 21.13
CA ILE A 149 -10.44 16.79 20.42
C ILE A 149 -11.03 18.04 21.07
N LEU A 150 -10.16 18.95 21.50
CA LEU A 150 -10.57 20.24 22.02
C LEU A 150 -10.15 21.36 21.08
N GLN A 151 -11.00 22.36 20.95
CA GLN A 151 -10.64 23.58 20.23
C GLN A 151 -10.45 24.73 21.21
N VAL A 152 -9.39 25.50 21.01
CA VAL A 152 -9.07 26.64 21.86
C VAL A 152 -9.85 27.87 21.43
N GLN A 153 -10.62 28.43 22.37
CA GLN A 153 -11.41 29.63 22.11
C GLN A 153 -10.63 30.89 22.47
N SER A 154 -10.06 30.92 23.67
CA SER A 154 -9.34 32.10 24.17
C SER A 154 -8.45 31.78 25.37
N HIS A 155 -7.62 32.77 25.72
CA HIS A 155 -6.84 32.72 26.96
C HIS A 155 -7.63 33.37 28.10
N GLU A 156 -8.05 32.54 29.06
CA GLU A 156 -8.73 33.05 30.26
C GLU A 156 -7.76 33.84 31.12
N ASP A 157 -6.57 33.30 31.30
CA ASP A 157 -5.43 34.03 31.84
C ASP A 157 -4.13 33.57 31.19
N GLU A 158 -3.00 33.93 31.79
CA GLU A 158 -1.67 33.56 31.33
C GLU A 158 -1.44 32.03 31.32
N GLN A 159 -2.10 31.33 32.23
CA GLN A 159 -1.90 29.87 32.41
C GLN A 159 -3.09 29.02 31.98
N THR A 160 -4.17 29.65 31.54
CA THR A 160 -5.44 28.94 31.33
C THR A 160 -6.08 29.25 29.98
N LEU A 161 -6.56 28.19 29.31
CA LEU A 161 -7.22 28.31 28.01
C LEU A 161 -8.69 27.88 28.12
N GLU A 162 -9.56 28.64 27.49
CA GLU A 162 -10.97 28.27 27.36
C GLU A 162 -11.13 27.40 26.13
N CYS A 163 -11.62 26.17 26.31
CA CYS A 163 -11.75 25.22 25.21
C CYS A 163 -13.16 24.70 25.02
N THR A 164 -13.54 24.48 23.76
CA THR A 164 -14.78 23.78 23.42
C THR A 164 -14.48 22.30 23.24
N VAL A 165 -15.28 21.45 23.89
CA VAL A 165 -15.19 20.01 23.69
C VAL A 165 -15.94 19.67 22.39
N THR A 166 -15.18 19.30 21.35
CA THR A 166 -15.74 19.12 20.00
C THR A 166 -16.35 17.73 19.74
N ASN A 167 -16.09 16.79 20.66
CA ASN A 167 -16.65 15.43 20.56
C ASN A 167 -16.74 14.76 21.93
N SER A 168 -17.66 13.80 22.07
CA SER A 168 -17.89 13.11 23.35
C SER A 168 -16.90 11.97 23.60
N HIS A 169 -16.11 12.11 24.67
CA HIS A 169 -15.15 11.10 25.07
C HIS A 169 -14.86 11.19 26.56
N THR A 170 -14.78 10.03 27.22
CA THR A 170 -14.46 9.95 28.65
C THR A 170 -12.98 9.61 28.87
N ILE A 171 -12.25 10.55 29.46
CA ILE A 171 -10.81 10.43 29.70
C ILE A 171 -10.48 10.06 31.15
N SER A 172 -9.34 9.39 31.34
CA SER A 172 -8.83 9.10 32.69
C SER A 172 -7.53 9.88 32.96
N ASP A 173 -6.94 9.64 34.13
CA ASP A 173 -5.75 10.38 34.59
C ASP A 173 -4.52 10.15 33.71
N ARG A 174 -3.66 11.16 33.61
CA ARG A 174 -2.34 11.03 32.98
C ARG A 174 -2.35 10.61 31.50
N ARG A 175 -3.41 10.98 30.77
CA ARG A 175 -3.52 10.65 29.35
C ARG A 175 -2.66 11.57 28.48
N GLY A 176 -2.12 11.02 27.39
CA GLY A 176 -1.20 11.75 26.53
C GLY A 176 -1.87 12.77 25.63
N VAL A 177 -1.24 13.94 25.48
CA VAL A 177 -1.83 15.00 24.67
C VAL A 177 -0.95 15.40 23.48
N ASN A 178 -1.59 15.79 22.39
CA ASN A 178 -0.91 16.20 21.18
C ASN A 178 -1.36 17.60 20.74
N LEU A 179 -0.46 18.32 20.10
CA LEU A 179 -0.70 19.69 19.66
C LEU A 179 -0.44 19.79 18.14
N PRO A 180 -1.45 19.43 17.32
CA PRO A 180 -1.33 19.29 15.86
C PRO A 180 -0.74 20.47 15.09
N GLY A 181 -1.18 21.69 15.36
CA GLY A 181 -0.69 22.84 14.61
C GLY A 181 0.63 23.40 15.11
N CYS A 182 1.01 23.00 16.32
CA CYS A 182 1.98 23.75 17.10
C CYS A 182 3.40 23.21 17.10
N ASP A 183 4.35 24.14 17.14
CA ASP A 183 5.75 23.82 17.30
C ASP A 183 6.04 23.59 18.78
N VAL A 184 5.89 22.33 19.20
CA VAL A 184 6.21 21.93 20.56
C VAL A 184 7.71 22.13 20.80
N ASP A 185 8.04 22.82 21.89
CA ASP A 185 9.43 23.16 22.19
C ASP A 185 9.98 22.44 23.41
N LEU A 186 9.34 21.34 23.79
CA LEU A 186 9.86 20.46 24.82
C LEU A 186 11.31 20.08 24.48
N PRO A 187 12.14 19.82 25.51
CA PRO A 187 13.54 19.45 25.29
C PRO A 187 13.69 18.18 24.45
N ALA A 188 14.87 17.98 23.85
CA ALA A 188 15.19 16.79 23.05
C ALA A 188 15.15 15.49 23.86
N VAL A 189 15.85 15.48 24.98
CA VAL A 189 15.85 14.32 25.87
C VAL A 189 15.27 14.68 27.23
N SER A 190 14.40 13.81 27.73
CA SER A 190 13.86 13.93 29.08
C SER A 190 14.93 13.58 30.12
N ALA A 191 14.60 13.83 31.39
CA ALA A 191 15.46 13.40 32.50
C ALA A 191 15.59 11.88 32.57
N LYS A 192 14.49 11.17 32.31
CA LYS A 192 14.51 9.71 32.29
C LYS A 192 15.37 9.19 31.13
N ASP A 193 15.33 9.89 29.99
CA ASP A 193 16.16 9.54 28.81
C ASP A 193 17.64 9.51 29.16
N ARG A 194 18.11 10.55 29.87
CA ARG A 194 19.53 10.67 30.23
C ARG A 194 20.03 9.49 31.03
N VAL A 195 19.24 9.08 32.00
CA VAL A 195 19.50 7.88 32.79
C VAL A 195 19.51 6.66 31.87
N ASP A 196 18.52 6.57 30.99
CA ASP A 196 18.40 5.45 30.07
C ASP A 196 19.53 5.42 29.02
N LEU A 197 19.84 6.57 28.44
CA LEU A 197 20.93 6.67 27.46
C LEU A 197 22.28 6.32 28.04
N GLN A 198 22.57 6.80 29.25
CA GLN A 198 23.81 6.45 29.95
C GLN A 198 23.89 4.93 30.18
N PHE A 199 22.78 4.33 30.59
CA PHE A 199 22.66 2.88 30.74
C PHE A 199 22.95 2.09 29.46
N GLY A 200 22.47 2.60 28.32
CA GLY A 200 22.69 1.98 27.03
C GLY A 200 24.13 2.02 26.57
N VAL A 201 24.81 3.13 26.87
CA VAL A 201 26.25 3.26 26.58
C VAL A 201 27.06 2.29 27.43
N GLU A 202 26.64 2.12 28.69
CA GLU A 202 27.29 1.21 29.61
C GLU A 202 27.13 -0.25 29.17
N GLN A 203 25.95 -0.57 28.63
CA GLN A 203 25.65 -1.94 28.24
C GLN A 203 26.00 -2.22 26.78
N GLY A 204 26.66 -1.26 26.14
CA GLY A 204 27.13 -1.41 24.77
C GLY A 204 26.04 -1.63 23.72
N VAL A 205 24.96 -0.85 23.78
CA VAL A 205 23.90 -0.94 22.75
C VAL A 205 24.40 -0.40 21.41
N ASP A 206 23.80 -0.89 20.32
CA ASP A 206 24.30 -0.59 18.98
C ASP A 206 23.72 0.66 18.38
N MET A 207 22.50 1.01 18.80
CA MET A 207 21.79 2.14 18.23
C MET A 207 20.73 2.66 19.19
N ILE A 208 20.37 3.93 19.00
CA ILE A 208 19.28 4.55 19.73
C ILE A 208 18.15 4.89 18.75
N PHE A 209 16.92 4.45 19.06
CA PHE A 209 15.74 4.99 18.40
C PHE A 209 15.26 6.19 19.24
N ALA A 210 15.65 7.40 18.80
CA ALA A 210 15.46 8.61 19.58
C ALA A 210 14.07 9.18 19.32
N SER A 211 13.26 9.26 20.38
CA SER A 211 11.85 9.64 20.28
C SER A 211 11.62 11.13 19.97
N PHE A 212 10.54 11.38 19.24
CA PHE A 212 9.95 12.73 19.11
C PHE A 212 10.95 13.80 18.63
N ILE A 213 11.75 13.46 17.63
CA ILE A 213 12.79 14.35 17.09
C ILE A 213 12.19 15.38 16.13
N ARG A 214 12.45 16.66 16.40
CA ARG A 214 11.73 17.74 15.73
C ARG A 214 12.62 18.68 14.92
N SER A 215 13.92 18.71 15.25
CA SER A 215 14.87 19.62 14.58
C SER A 215 16.27 19.03 14.59
N ALA A 216 17.14 19.52 13.71
CA ALA A 216 18.51 19.01 13.58
C ALA A 216 19.30 19.17 14.87
N GLU A 217 19.12 20.34 15.51
CA GLU A 217 19.80 20.68 16.77
C GLU A 217 19.56 19.62 17.86
N GLN A 218 18.38 19.01 17.82
CA GLN A 218 18.01 18.03 18.83
C GLN A 218 18.77 16.71 18.70
N VAL A 219 19.17 16.37 17.47
CA VAL A 219 20.01 15.20 17.22
C VAL A 219 21.33 15.33 18.00
N GLY A 220 21.92 16.52 17.99
CA GLY A 220 23.17 16.81 18.72
C GLY A 220 23.06 16.72 20.22
N ASP A 221 21.92 17.15 20.77
CA ASP A 221 21.66 17.01 22.21
C ASP A 221 21.59 15.54 22.63
N VAL A 222 21.01 14.68 21.78
CA VAL A 222 21.04 13.23 21.97
C VAL A 222 22.48 12.73 21.92
N ARG A 223 23.23 13.25 20.94
CA ARG A 223 24.64 12.92 20.81
C ARG A 223 25.43 13.26 22.07
N LYS A 224 25.28 14.50 22.54
CA LYS A 224 25.95 14.96 23.76
C LYS A 224 25.57 14.12 24.97
N ALA A 225 24.35 13.58 24.97
CA ALA A 225 23.85 12.77 26.09
C ALA A 225 24.46 11.38 26.17
N LEU A 226 24.93 10.86 25.03
CA LEU A 226 25.62 9.57 24.97
C LEU A 226 27.07 9.67 25.42
N GLY A 227 27.64 10.86 25.26
CA GLY A 227 29.03 11.14 25.65
C GLY A 227 30.06 10.58 24.69
N PRO A 228 31.36 10.77 25.00
CA PRO A 228 32.49 10.29 24.19
C PRO A 228 32.54 8.77 24.11
N LYS A 229 32.11 8.10 25.18
CA LYS A 229 32.08 6.64 25.20
C LYS A 229 31.00 6.06 24.28
N GLY A 230 30.02 6.90 23.92
CA GLY A 230 28.92 6.46 23.07
C GLY A 230 28.93 7.04 21.67
N ARG A 231 30.08 7.51 21.20
CA ARG A 231 30.16 8.21 19.92
C ARG A 231 29.97 7.30 18.69
N ASP A 232 30.13 5.99 18.85
CA ASP A 232 29.97 5.07 17.72
C ASP A 232 28.57 4.48 17.68
N ILE A 233 27.75 4.85 18.67
CA ILE A 233 26.36 4.45 18.68
C ILE A 233 25.56 5.26 17.65
N MET A 234 24.84 4.56 16.80
CA MET A 234 23.98 5.19 15.80
C MET A 234 22.77 5.82 16.47
N ILE A 235 22.41 7.02 16.02
CA ILE A 235 21.18 7.66 16.41
C ILE A 235 20.20 7.65 15.25
N ILE A 236 19.10 6.93 15.44
CA ILE A 236 18.05 6.82 14.46
C ILE A 236 16.92 7.71 14.98
N CYS A 237 16.53 8.70 14.19
CA CYS A 237 15.55 9.68 14.65
C CYS A 237 14.12 9.25 14.36
N LYS A 238 13.33 9.11 15.40
CA LYS A 238 11.90 8.82 15.26
C LYS A 238 11.18 10.11 14.90
N ILE A 239 10.53 10.12 13.74
CA ILE A 239 9.79 11.28 13.25
C ILE A 239 8.32 11.07 13.57
N GLU A 240 7.74 11.99 14.33
CA GLU A 240 6.45 11.75 14.97
C GLU A 240 5.45 12.88 14.81
N ASN A 241 5.89 14.00 14.25
CA ASN A 241 4.97 15.12 14.01
C ASN A 241 5.43 16.01 12.87
N HIS A 242 4.66 17.08 12.65
CA HIS A 242 4.88 17.99 11.53
C HIS A 242 6.26 18.66 11.54
N GLN A 243 6.81 18.90 12.72
CA GLN A 243 8.14 19.53 12.82
C GLN A 243 9.22 18.61 12.25
N GLY A 244 9.23 17.35 12.70
CA GLY A 244 10.15 16.35 12.15
C GLY A 244 10.04 16.26 10.64
N VAL A 245 8.80 16.23 10.14
CA VAL A 245 8.53 16.17 8.70
C VAL A 245 9.07 17.41 7.97
N GLN A 246 8.70 18.58 8.45
CA GLN A 246 9.17 19.83 7.89
C GLN A 246 10.70 19.97 7.92
N ASN A 247 11.31 19.55 9.03
CA ASN A 247 12.75 19.70 9.23
C ASN A 247 13.58 18.49 8.80
N ILE A 248 12.97 17.60 8.01
CA ILE A 248 13.56 16.30 7.71
C ILE A 248 14.94 16.34 7.03
N ASP A 249 15.14 17.25 6.08
CA ASP A 249 16.45 17.37 5.41
C ASP A 249 17.60 17.56 6.41
N SER A 250 17.48 18.57 7.26
CA SER A 250 18.52 18.90 8.22
C SER A 250 18.65 17.82 9.30
N ILE A 251 17.53 17.18 9.64
CA ILE A 251 17.53 16.07 10.59
C ILE A 251 18.22 14.83 10.04
N ILE A 252 17.93 14.49 8.78
CA ILE A 252 18.61 13.40 8.10
C ILE A 252 20.10 13.69 8.04
N GLU A 253 20.46 14.96 7.80
CA GLU A 253 21.85 15.35 7.74
C GLU A 253 22.58 14.96 9.03
N GLU A 254 22.04 15.36 10.19
CA GLU A 254 22.68 15.11 11.49
C GLU A 254 22.56 13.67 12.00
N SER A 255 21.55 12.92 11.55
CA SER A 255 21.29 11.59 12.09
C SER A 255 22.07 10.47 11.39
N ASP A 256 21.97 9.27 11.94
CA ASP A 256 22.54 8.09 11.30
C ASP A 256 21.41 7.33 10.61
N GLY A 257 20.19 7.87 10.70
CA GLY A 257 19.03 7.27 10.09
C GLY A 257 17.70 7.75 10.64
N ILE A 258 16.62 7.22 10.09
CA ILE A 258 15.26 7.69 10.37
C ILE A 258 14.26 6.53 10.59
N MET A 259 13.45 6.65 11.64
CA MET A 259 12.27 5.81 11.80
C MET A 259 11.00 6.60 11.47
N VAL A 260 10.25 6.11 10.48
CA VAL A 260 8.93 6.66 10.13
C VAL A 260 7.88 6.04 11.06
N ALA A 261 7.52 6.75 12.11
CA ALA A 261 6.63 6.21 13.12
C ALA A 261 5.18 6.54 12.77
N ARG A 262 4.57 5.71 11.93
CA ARG A 262 3.28 6.02 11.31
C ARG A 262 2.16 6.32 12.32
N GLY A 263 2.08 5.50 13.36
CA GLY A 263 1.03 5.60 14.36
C GLY A 263 1.05 6.92 15.10
N ASP A 264 2.24 7.33 15.56
CA ASP A 264 2.42 8.63 16.22
C ASP A 264 2.16 9.81 15.29
N LEU A 265 2.59 9.70 14.04
CA LEU A 265 2.29 10.74 13.04
C LEU A 265 0.81 10.83 12.82
N GLY A 266 0.15 9.67 12.84
CA GLY A 266 -1.29 9.55 12.59
C GLY A 266 -2.16 10.15 13.67
N VAL A 267 -1.63 10.31 14.88
CA VAL A 267 -2.37 10.96 15.96
C VAL A 267 -2.70 12.38 15.51
N GLU A 268 -1.75 13.00 14.80
CA GLU A 268 -1.81 14.43 14.50
C GLU A 268 -2.09 14.78 13.05
N ILE A 269 -1.78 13.85 12.14
CA ILE A 269 -1.84 14.09 10.69
C ILE A 269 -2.80 13.09 10.04
N PRO A 270 -3.63 13.56 9.08
CA PRO A 270 -4.54 12.59 8.43
C PRO A 270 -3.78 11.42 7.80
N ALA A 271 -4.37 10.23 7.91
CA ALA A 271 -3.71 8.97 7.58
C ALA A 271 -3.19 8.94 6.13
N GLU A 272 -3.95 9.52 5.21
CA GLU A 272 -3.54 9.64 3.82
C GLU A 272 -2.29 10.51 3.61
N LYS A 273 -2.13 11.55 4.43
CA LYS A 273 -0.89 12.34 4.39
C LYS A 273 0.27 11.59 5.00
N VAL A 274 -0.01 10.72 5.96
CA VAL A 274 1.05 9.95 6.61
C VAL A 274 1.65 8.98 5.59
N VAL A 275 0.77 8.38 4.79
CA VAL A 275 1.15 7.50 3.69
C VAL A 275 2.13 8.18 2.74
N VAL A 276 1.85 9.44 2.42
CA VAL A 276 2.70 10.24 1.53
C VAL A 276 4.00 10.64 2.24
N ALA A 277 3.93 11.00 3.52
CA ALA A 277 5.11 11.32 4.33
C ALA A 277 6.08 10.15 4.44
N GLN A 278 5.53 8.94 4.49
CA GLN A 278 6.33 7.72 4.43
C GLN A 278 7.13 7.64 3.14
N LYS A 279 6.48 7.86 1.99
CA LYS A 279 7.15 7.90 0.67
C LYS A 279 8.30 8.91 0.63
N ILE A 280 8.05 10.11 1.16
CA ILE A 280 9.01 11.22 1.13
C ILE A 280 10.23 10.91 2.00
N LEU A 281 9.97 10.55 3.26
CA LEU A 281 11.04 10.26 4.20
C LEU A 281 11.89 9.06 3.78
N ILE A 282 11.26 8.03 3.22
CA ILE A 282 12.01 6.86 2.75
C ILE A 282 12.96 7.21 1.60
N SER A 283 12.45 7.94 0.61
CA SER A 283 13.23 8.34 -0.55
C SER A 283 14.36 9.33 -0.19
N LYS A 284 14.10 10.25 0.72
CA LYS A 284 15.13 11.16 1.21
C LYS A 284 16.29 10.40 1.85
N CYS A 285 15.99 9.42 2.69
CA CYS A 285 17.01 8.54 3.28
C CYS A 285 17.76 7.66 2.27
N ASN A 286 17.04 7.05 1.33
CA ASN A 286 17.68 6.31 0.24
C ASN A 286 18.75 7.18 -0.41
N VAL A 287 18.37 8.41 -0.77
CA VAL A 287 19.27 9.35 -1.44
C VAL A 287 20.44 9.79 -0.55
N ALA A 288 20.17 9.99 0.75
CA ALA A 288 21.24 10.26 1.70
C ALA A 288 22.08 9.02 2.00
N GLY A 289 21.62 7.84 1.56
CA GLY A 289 22.30 6.59 1.89
C GLY A 289 22.30 6.30 3.38
N LYS A 290 21.20 6.62 4.03
CA LYS A 290 21.05 6.33 5.45
C LYS A 290 19.86 5.39 5.67
N PRO A 291 19.95 4.51 6.68
CA PRO A 291 18.85 3.57 6.88
C PRO A 291 17.54 4.21 7.31
N VAL A 292 16.44 3.71 6.75
CA VAL A 292 15.11 4.14 7.12
C VAL A 292 14.26 2.93 7.52
N ILE A 293 13.51 3.10 8.61
CA ILE A 293 12.70 2.05 9.20
C ILE A 293 11.23 2.43 9.06
N CYS A 294 10.41 1.50 8.58
CA CYS A 294 8.98 1.69 8.54
C CYS A 294 8.37 0.96 9.75
N ALA A 295 7.82 1.73 10.69
CA ALA A 295 7.49 1.20 12.03
C ALA A 295 6.04 1.43 12.41
N THR A 296 5.51 0.60 13.30
CA THR A 296 4.19 0.83 13.88
C THR A 296 3.07 0.27 12.99
N GLN A 297 2.14 -0.45 13.60
CA GLN A 297 0.98 -1.05 12.93
C GLN A 297 1.28 -1.65 11.56
N MET A 298 2.20 -2.61 11.56
CA MET A 298 2.61 -3.27 10.35
C MET A 298 1.78 -4.53 10.13
N LEU A 299 1.76 -5.41 11.12
CA LEU A 299 0.93 -6.60 11.07
C LEU A 299 0.18 -6.76 12.39
N GLU A 300 -0.50 -5.70 12.81
CA GLU A 300 -1.03 -5.62 14.17
C GLU A 300 -2.08 -6.66 14.52
N SER A 301 -3.00 -6.97 13.59
CA SER A 301 -4.05 -7.95 13.85
C SER A 301 -3.52 -9.38 14.09
N MET A 302 -2.25 -9.62 13.71
CA MET A 302 -1.56 -10.87 13.97
C MET A 302 -0.98 -10.92 15.40
N THR A 303 -1.24 -9.89 16.19
CA THR A 303 -0.96 -9.96 17.63
C THR A 303 -1.79 -11.08 18.26
N TYR A 304 -3.07 -11.16 17.89
CA TYR A 304 -3.99 -12.13 18.49
C TYR A 304 -4.67 -13.07 17.50
N ASN A 305 -4.59 -12.77 16.21
CA ASN A 305 -5.08 -13.70 15.19
C ASN A 305 -3.91 -14.42 14.51
N PRO A 306 -4.15 -15.64 13.99
CA PRO A 306 -3.04 -16.37 13.35
C PRO A 306 -2.67 -15.87 11.95
N ARG A 307 -3.47 -14.97 11.39
CA ARG A 307 -3.24 -14.41 10.07
C ARG A 307 -3.58 -12.94 10.11
N PRO A 308 -2.88 -12.11 9.30
CA PRO A 308 -3.20 -10.69 9.28
C PRO A 308 -4.27 -10.37 8.26
N THR A 309 -4.72 -9.12 8.24
CA THR A 309 -5.66 -8.70 7.21
C THR A 309 -4.88 -8.53 5.91
N ARG A 310 -5.61 -8.61 4.80
CA ARG A 310 -5.06 -8.42 3.49
C ARG A 310 -4.45 -7.01 3.32
N ALA A 311 -5.04 -6.00 3.95
CA ALA A 311 -4.56 -4.63 3.86
C ALA A 311 -3.23 -4.47 4.58
N GLU A 312 -3.08 -5.17 5.70
CA GLU A 312 -1.83 -5.20 6.45
C GLU A 312 -0.69 -5.81 5.65
N VAL A 313 -0.99 -6.82 4.86
CA VAL A 313 0.01 -7.46 4.01
C VAL A 313 0.49 -6.49 2.91
N SER A 314 -0.44 -5.80 2.26
CA SER A 314 -0.08 -4.84 1.23
C SER A 314 0.72 -3.67 1.83
N ASP A 315 0.41 -3.32 3.07
CA ASP A 315 1.14 -2.27 3.79
C ASP A 315 2.60 -2.65 3.97
N VAL A 316 2.86 -3.88 4.42
CA VAL A 316 4.23 -4.39 4.48
C VAL A 316 4.91 -4.43 3.11
N ALA A 317 4.19 -4.89 2.08
CA ALA A 317 4.79 -5.01 0.75
C ALA A 317 5.18 -3.62 0.22
N ASN A 318 4.33 -2.64 0.49
CA ASN A 318 4.49 -1.31 -0.07
C ASN A 318 5.56 -0.48 0.63
N ALA A 319 5.82 -0.78 1.89
CA ALA A 319 7.00 -0.25 2.56
C ALA A 319 8.27 -0.72 1.85
N VAL A 320 8.32 -1.99 1.44
CA VAL A 320 9.45 -2.49 0.66
C VAL A 320 9.52 -1.78 -0.70
N PHE A 321 8.40 -1.71 -1.41
CA PHE A 321 8.34 -0.94 -2.67
C PHE A 321 8.73 0.51 -2.53
N ASN A 322 8.37 1.14 -1.40
CA ASN A 322 8.76 2.51 -1.13
C ASN A 322 10.28 2.68 -1.05
N GLY A 323 10.96 1.62 -0.61
CA GLY A 323 12.41 1.62 -0.47
C GLY A 323 12.95 1.48 0.95
N ALA A 324 12.09 1.09 1.90
CA ALA A 324 12.51 0.94 3.30
C ALA A 324 13.64 -0.08 3.46
N ASP A 325 14.60 0.20 4.34
CA ASP A 325 15.63 -0.77 4.69
C ASP A 325 15.02 -1.79 5.65
N CYS A 326 14.22 -1.32 6.59
CA CYS A 326 13.66 -2.18 7.64
C CYS A 326 12.18 -2.02 7.83
N VAL A 327 11.56 -3.08 8.33
CA VAL A 327 10.17 -3.08 8.75
C VAL A 327 10.16 -3.54 10.19
N MET A 328 9.27 -2.98 10.99
CA MET A 328 9.34 -3.18 12.44
C MET A 328 8.09 -3.81 13.05
N LEU A 329 8.31 -4.66 14.05
CA LEU A 329 7.22 -5.24 14.84
C LEU A 329 7.24 -4.73 16.27
N SER A 330 6.05 -4.39 16.77
CA SER A 330 5.90 -3.93 18.15
C SER A 330 5.26 -5.00 19.03
N GLY A 331 3.99 -4.80 19.39
CA GLY A 331 3.23 -5.76 20.20
C GLY A 331 3.11 -7.15 19.59
N GLU A 332 3.20 -7.23 18.26
CA GLU A 332 3.15 -8.52 17.56
C GLU A 332 4.15 -9.52 18.13
N THR A 333 5.32 -9.01 18.54
CA THR A 333 6.37 -9.85 19.10
C THR A 333 6.56 -9.65 20.61
N ALA A 334 6.30 -8.43 21.08
CA ALA A 334 6.45 -8.09 22.49
C ALA A 334 5.40 -8.78 23.38
N LYS A 335 4.13 -8.70 22.98
CA LYS A 335 3.05 -9.26 23.78
C LYS A 335 2.12 -10.19 22.98
N GLY A 336 2.48 -10.42 21.72
CA GLY A 336 1.64 -11.20 20.81
C GLY A 336 1.60 -12.68 21.10
N LYS A 337 0.64 -13.36 20.49
CA LYS A 337 0.44 -14.79 20.65
C LYS A 337 1.25 -15.62 19.63
N TYR A 338 1.59 -15.02 18.50
CA TYR A 338 2.29 -15.73 17.42
C TYR A 338 3.60 -15.06 16.98
N PRO A 339 4.54 -14.85 17.93
CA PRO A 339 5.73 -14.05 17.60
C PRO A 339 6.54 -14.61 16.42
N ASN A 340 6.75 -15.92 16.40
CA ASN A 340 7.54 -16.56 15.34
C ASN A 340 6.86 -16.46 13.99
N GLU A 341 5.56 -16.74 14.00
CA GLU A 341 4.76 -16.76 12.78
C GLU A 341 4.67 -15.38 12.17
N VAL A 342 4.52 -14.36 13.02
CA VAL A 342 4.45 -12.99 12.52
C VAL A 342 5.76 -12.55 11.83
N VAL A 343 6.89 -12.91 12.43
CA VAL A 343 8.20 -12.61 11.83
C VAL A 343 8.45 -13.42 10.54
N GLN A 344 8.07 -14.69 10.53
CA GLN A 344 8.26 -15.52 9.35
C GLN A 344 7.43 -14.99 8.19
N TYR A 345 6.24 -14.48 8.52
CA TYR A 345 5.34 -13.97 7.52
C TYR A 345 5.78 -12.61 6.99
N MET A 346 6.20 -11.74 7.92
CA MET A 346 6.84 -10.49 7.55
C MET A 346 8.00 -10.77 6.60
N ALA A 347 8.82 -11.76 6.92
CA ALA A 347 9.93 -12.15 6.06
C ALA A 347 9.45 -12.54 4.68
N ARG A 348 8.41 -13.36 4.63
CA ARG A 348 7.84 -13.86 3.37
C ARG A 348 7.25 -12.74 2.50
N ILE A 349 6.60 -11.75 3.13
CA ILE A 349 6.05 -10.63 2.37
C ILE A 349 7.16 -9.80 1.74
N CYS A 350 8.18 -9.47 2.54
CA CYS A 350 9.34 -8.75 2.09
C CYS A 350 10.00 -9.40 0.88
N LEU A 351 10.16 -10.72 0.95
CA LEU A 351 10.82 -11.49 -0.09
C LEU A 351 9.98 -11.49 -1.36
N GLU A 352 8.68 -11.66 -1.21
CA GLU A 352 7.77 -11.56 -2.36
C GLU A 352 7.81 -10.16 -2.99
N ALA A 353 7.77 -9.12 -2.17
CA ALA A 353 7.85 -7.74 -2.67
C ALA A 353 9.19 -7.47 -3.39
N GLN A 354 10.28 -7.92 -2.79
CA GLN A 354 11.60 -7.78 -3.36
C GLN A 354 11.71 -8.42 -4.75
N SER A 355 11.09 -9.59 -4.92
CA SER A 355 11.09 -10.32 -6.19
C SER A 355 10.38 -9.56 -7.29
N ALA A 356 9.40 -8.73 -6.91
CA ALA A 356 8.69 -7.92 -7.88
C ALA A 356 9.34 -6.56 -8.09
N LEU A 357 10.20 -6.17 -7.16
CA LEU A 357 10.77 -4.83 -7.16
C LEU A 357 11.92 -4.75 -8.17
N ASN A 358 11.92 -3.73 -9.03
CA ASN A 358 13.06 -3.54 -9.93
C ASN A 358 14.13 -2.64 -9.31
N GLU A 359 15.20 -3.25 -8.78
CA GLU A 359 16.27 -2.49 -8.10
C GLU A 359 16.94 -1.47 -9.02
N TYR A 360 17.03 -1.81 -10.31
CA TYR A 360 17.66 -0.93 -11.29
C TYR A 360 17.03 0.46 -11.37
N VAL A 361 15.71 0.54 -11.18
CA VAL A 361 15.02 1.84 -11.08
C VAL A 361 15.63 2.67 -9.94
N PHE A 362 15.84 2.06 -8.77
CA PHE A 362 16.46 2.73 -7.64
C PHE A 362 17.87 3.18 -7.96
N PHE A 363 18.69 2.24 -8.46
CA PHE A 363 20.09 2.52 -8.78
C PHE A 363 20.15 3.72 -9.67
N ASN A 364 19.36 3.67 -10.72
CA ASN A 364 19.39 4.66 -11.76
C ASN A 364 18.86 6.02 -11.31
N SER A 365 17.78 6.01 -10.53
CA SER A 365 17.18 7.26 -10.03
C SER A 365 18.15 7.96 -9.12
N ILE A 366 18.83 7.20 -8.26
CA ILE A 366 19.79 7.75 -7.31
C ILE A 366 21.05 8.24 -8.02
N LYS A 367 21.55 7.44 -8.95
CA LYS A 367 22.63 7.83 -9.86
C LYS A 367 22.38 9.17 -10.55
N LYS A 368 21.22 9.30 -11.21
CA LYS A 368 20.83 10.52 -11.93
C LYS A 368 20.92 11.78 -11.07
N LEU A 369 20.80 11.61 -9.75
CA LEU A 369 20.78 12.73 -8.82
C LEU A 369 22.14 13.14 -8.26
N GLN A 370 23.16 12.31 -8.43
CA GLN A 370 24.50 12.63 -7.94
C GLN A 370 25.07 13.79 -8.72
N HIS A 371 25.55 14.80 -8.02
CA HIS A 371 26.18 15.96 -8.66
C HIS A 371 27.53 15.58 -9.23
N ILE A 372 27.91 16.22 -10.34
CA ILE A 372 29.22 16.00 -10.95
C ILE A 372 30.03 17.31 -10.90
N PRO A 373 31.29 17.26 -10.41
CA PRO A 373 32.06 16.05 -10.06
C PRO A 373 31.61 15.33 -8.79
N MET A 374 31.60 14.00 -8.86
CA MET A 374 31.43 13.18 -7.68
C MET A 374 32.75 13.15 -6.93
N SER A 375 32.67 12.93 -5.63
CA SER A 375 33.86 12.60 -4.87
C SER A 375 34.20 11.14 -5.15
N ALA A 376 35.45 10.77 -4.90
CA ALA A 376 35.97 9.44 -5.24
C ALA A 376 35.15 8.26 -4.71
N ASP A 377 34.68 8.38 -3.46
CA ASP A 377 33.96 7.30 -2.78
C ASP A 377 32.65 7.02 -3.48
N GLU A 378 31.94 8.10 -3.76
CA GLU A 378 30.69 8.07 -4.47
C GLU A 378 30.87 7.44 -5.85
N ALA A 379 31.91 7.88 -6.55
CA ALA A 379 32.21 7.38 -7.89
C ALA A 379 32.53 5.89 -7.87
N VAL A 380 33.34 5.46 -6.90
CA VAL A 380 33.73 4.07 -6.80
C VAL A 380 32.55 3.16 -6.45
N CYS A 381 31.69 3.58 -5.53
CA CYS A 381 30.57 2.75 -5.12
C CYS A 381 29.48 2.65 -6.18
N SER A 382 29.15 3.77 -6.82
CA SER A 382 28.17 3.74 -7.91
C SER A 382 28.67 2.97 -9.13
N SER A 383 29.94 3.16 -9.51
CA SER A 383 30.56 2.36 -10.59
C SER A 383 30.48 0.87 -10.33
N ALA A 384 30.80 0.46 -9.11
CA ALA A 384 30.87 -0.95 -8.77
C ALA A 384 29.50 -1.59 -8.86
N VAL A 385 28.47 -0.88 -8.38
CA VAL A 385 27.09 -1.34 -8.60
C VAL A 385 26.72 -1.34 -10.08
N ASN A 386 27.11 -0.29 -10.82
CA ASN A 386 26.94 -0.26 -12.26
C ASN A 386 27.58 -1.51 -12.89
N SER A 387 28.77 -1.85 -12.41
CA SER A 387 29.49 -3.03 -12.87
C SER A 387 28.75 -4.35 -12.60
N VAL A 388 28.02 -4.43 -11.48
CA VAL A 388 27.18 -5.59 -11.20
C VAL A 388 26.12 -5.75 -12.29
N TYR A 389 25.47 -4.66 -12.68
CA TYR A 389 24.43 -4.72 -13.72
C TYR A 389 25.00 -5.05 -15.09
N GLU A 390 26.13 -4.45 -15.42
CA GLU A 390 26.70 -4.57 -16.77
C GLU A 390 27.36 -5.91 -17.04
N THR A 391 27.92 -6.55 -16.01
CA THR A 391 28.51 -7.89 -16.14
C THR A 391 27.61 -8.99 -15.55
N LYS A 392 26.41 -8.61 -15.11
CA LYS A 392 25.49 -9.52 -14.41
C LYS A 392 26.17 -10.33 -13.31
N ALA A 393 26.95 -9.63 -12.46
CA ALA A 393 27.65 -10.26 -11.35
C ALA A 393 26.61 -10.76 -10.36
N LYS A 394 26.97 -11.77 -9.58
CA LYS A 394 26.00 -12.40 -8.67
C LYS A 394 26.24 -12.11 -7.18
N ALA A 395 27.31 -11.36 -6.86
CA ALA A 395 27.58 -10.91 -5.50
C ALA A 395 28.53 -9.74 -5.47
N MET A 396 28.47 -8.96 -4.39
CA MET A 396 29.47 -7.96 -4.15
C MET A 396 30.17 -8.32 -2.88
N VAL A 397 31.46 -8.01 -2.79
CA VAL A 397 32.20 -8.17 -1.56
C VAL A 397 32.77 -6.81 -1.20
N VAL A 398 32.39 -6.29 -0.04
CA VAL A 398 32.79 -4.95 0.39
C VAL A 398 33.57 -5.02 1.68
N LEU A 399 34.84 -4.63 1.62
CA LEU A 399 35.68 -4.58 2.81
C LEU A 399 35.46 -3.24 3.49
N SER A 400 34.78 -3.27 4.63
CA SER A 400 34.43 -2.04 5.33
C SER A 400 34.58 -2.25 6.82
N ASN A 401 35.43 -1.45 7.45
CA ASN A 401 35.65 -1.59 8.88
C ASN A 401 34.59 -0.87 9.73
N THR A 402 34.23 0.35 9.33
CA THR A 402 33.17 1.09 10.02
C THR A 402 31.75 0.84 9.47
N GLY A 403 31.65 0.24 8.29
CA GLY A 403 30.36 -0.01 7.63
C GLY A 403 29.99 1.05 6.59
N ARG A 404 30.70 2.17 6.64
CA ARG A 404 30.45 3.31 5.77
C ARG A 404 30.33 2.95 4.27
N SER A 405 31.35 2.28 3.73
CA SER A 405 31.33 1.92 2.31
C SER A 405 30.28 0.85 2.01
N ALA A 406 30.05 -0.05 2.97
CA ALA A 406 28.96 -1.02 2.84
C ALA A 406 27.61 -0.30 2.73
N ARG A 407 27.42 0.76 3.52
CA ARG A 407 26.18 1.54 3.42
C ARG A 407 26.11 2.30 2.09
N LEU A 408 27.25 2.83 1.66
CA LEU A 408 27.34 3.55 0.39
C LEU A 408 27.03 2.66 -0.84
N VAL A 409 27.50 1.41 -0.81
CA VAL A 409 27.20 0.47 -1.88
C VAL A 409 25.73 0.08 -1.84
N ALA A 410 25.22 -0.16 -0.62
CA ALA A 410 23.84 -0.59 -0.45
C ALA A 410 22.88 0.49 -0.91
N LYS A 411 23.30 1.75 -0.74
CA LYS A 411 22.55 2.88 -1.28
C LYS A 411 22.23 2.75 -2.77
N TYR A 412 23.18 2.22 -3.54
CA TYR A 412 22.98 2.14 -4.99
C TYR A 412 22.21 0.91 -5.43
N ARG A 413 21.85 0.05 -4.48
CA ARG A 413 20.90 -1.04 -4.73
C ARG A 413 21.30 -1.97 -5.90
N PRO A 414 22.38 -2.73 -5.74
CA PRO A 414 22.67 -3.70 -6.80
C PRO A 414 21.61 -4.79 -6.76
N ASN A 415 21.43 -5.50 -7.86
CA ASN A 415 20.43 -6.57 -7.84
C ASN A 415 21.02 -7.92 -7.42
N CYS A 416 21.96 -7.88 -6.47
CA CYS A 416 22.60 -9.08 -5.94
C CYS A 416 22.96 -8.85 -4.47
N PRO A 417 23.16 -9.93 -3.68
CA PRO A 417 23.61 -9.77 -2.30
C PRO A 417 24.90 -8.96 -2.13
N ILE A 418 25.01 -8.29 -0.99
CA ILE A 418 26.23 -7.59 -0.63
C ILE A 418 26.78 -8.26 0.61
N VAL A 419 28.02 -8.73 0.51
CA VAL A 419 28.71 -9.32 1.63
C VAL A 419 29.69 -8.28 2.16
N CYS A 420 29.48 -7.84 3.38
CA CYS A 420 30.45 -6.95 3.99
C CYS A 420 31.43 -7.72 4.87
N VAL A 421 32.72 -7.56 4.59
CA VAL A 421 33.75 -8.15 5.46
C VAL A 421 34.32 -7.06 6.32
N THR A 422 34.24 -7.25 7.64
CA THR A 422 34.62 -6.23 8.59
C THR A 422 35.42 -6.79 9.77
N THR A 423 36.26 -5.94 10.36
CA THR A 423 37.11 -6.28 11.51
C THR A 423 36.50 -5.87 12.86
N ARG A 424 35.31 -5.26 12.81
CA ARG A 424 34.59 -4.87 14.04
C ARG A 424 33.26 -5.61 14.15
N LEU A 425 33.06 -6.34 15.25
CA LEU A 425 31.75 -6.94 15.53
C LEU A 425 30.63 -5.91 15.61
N GLN A 426 30.92 -4.71 16.11
CA GLN A 426 29.85 -3.69 16.20
C GLN A 426 29.33 -3.30 14.81
N THR A 427 30.20 -3.32 13.82
CA THR A 427 29.82 -3.09 12.42
C THR A 427 28.89 -4.20 11.91
N CYS A 428 29.20 -5.46 12.22
CA CYS A 428 28.29 -6.57 11.91
C CYS A 428 26.88 -6.30 12.45
N ARG A 429 26.81 -5.86 13.70
CA ARG A 429 25.53 -5.61 14.33
C ARG A 429 24.83 -4.41 13.67
N GLN A 430 25.57 -3.31 13.48
CA GLN A 430 24.95 -2.08 13.01
C GLN A 430 24.46 -2.15 11.57
N LEU A 431 25.13 -2.96 10.74
CA LEU A 431 24.68 -3.17 9.37
C LEU A 431 23.36 -3.94 9.26
N ASN A 432 22.86 -4.47 10.38
CA ASN A 432 21.58 -5.18 10.39
C ASN A 432 20.38 -4.26 10.13
N ILE A 433 20.60 -2.94 10.13
CA ILE A 433 19.54 -2.02 9.70
C ILE A 433 19.74 -1.49 8.30
N THR A 434 20.66 -2.09 7.55
CA THR A 434 20.91 -1.73 6.16
C THR A 434 20.50 -2.89 5.25
N GLN A 435 19.60 -2.61 4.33
CA GLN A 435 19.07 -3.67 3.47
C GLN A 435 20.16 -4.22 2.54
N GLY A 436 20.03 -5.49 2.21
CA GLY A 436 20.82 -6.08 1.12
C GLY A 436 22.23 -6.47 1.47
N VAL A 437 22.59 -6.31 2.76
CA VAL A 437 23.92 -6.58 3.25
C VAL A 437 23.96 -7.68 4.31
N GLU A 438 24.93 -8.58 4.18
CA GLU A 438 25.25 -9.52 5.25
C GLU A 438 26.69 -9.35 5.67
N SER A 439 26.96 -9.48 6.97
CA SER A 439 28.31 -9.24 7.47
C SER A 439 29.09 -10.49 7.92
N VAL A 440 30.36 -10.50 7.53
CA VAL A 440 31.33 -11.49 7.95
C VAL A 440 32.39 -10.78 8.79
N PHE A 441 32.65 -11.32 9.96
CA PHE A 441 33.63 -10.77 10.87
C PHE A 441 35.01 -11.37 10.62
N PHE A 442 36.00 -10.49 10.47
CA PHE A 442 37.37 -10.90 10.34
C PHE A 442 38.16 -10.40 11.54
N ASP A 443 38.61 -11.34 12.38
CA ASP A 443 39.37 -11.07 13.59
C ASP A 443 40.82 -10.79 13.22
N ALA A 444 41.14 -9.50 13.08
CA ALA A 444 42.49 -9.07 12.69
C ALA A 444 43.53 -9.34 13.79
N ASP A 445 43.11 -9.24 15.05
CA ASP A 445 43.98 -9.53 16.19
C ASP A 445 44.36 -11.02 16.27
N LYS A 446 43.48 -11.87 15.77
CA LYS A 446 43.72 -13.31 15.73
C LYS A 446 44.42 -13.72 14.44
N LEU A 447 44.09 -13.07 13.32
CA LEU A 447 44.51 -13.54 11.99
C LEU A 447 45.48 -12.63 11.23
N GLY A 448 45.73 -11.44 11.75
CA GLY A 448 46.63 -10.49 11.08
C GLY A 448 45.85 -9.37 10.41
N HIS A 449 46.57 -8.33 10.02
CA HIS A 449 45.92 -7.13 9.45
C HIS A 449 45.54 -7.27 7.98
N ASP A 450 45.99 -8.35 7.35
CA ASP A 450 45.61 -8.70 5.97
C ASP A 450 45.77 -7.48 5.05
N GLU A 451 46.95 -6.87 5.08
CA GLU A 451 47.18 -5.62 4.34
C GLU A 451 47.02 -5.79 2.83
N GLY A 452 47.25 -7.00 2.34
CA GLY A 452 47.06 -7.34 0.94
C GLY A 452 45.62 -7.67 0.59
N LYS A 453 44.77 -7.72 1.61
CA LYS A 453 43.31 -7.89 1.44
C LYS A 453 42.87 -9.29 0.98
N GLU A 454 43.82 -10.17 0.67
CA GLU A 454 43.51 -11.50 0.11
C GLU A 454 42.63 -12.33 1.05
N HIS A 455 43.00 -12.38 2.33
CA HIS A 455 42.28 -13.20 3.29
C HIS A 455 40.84 -12.71 3.51
N ARG A 456 40.64 -11.40 3.59
CA ARG A 456 39.29 -10.86 3.77
C ARG A 456 38.41 -11.06 2.53
N VAL A 457 38.98 -10.86 1.34
CA VAL A 457 38.29 -11.10 0.08
C VAL A 457 37.86 -12.57 -0.03
N ALA A 458 38.78 -13.49 0.25
CA ALA A 458 38.48 -14.92 0.23
C ALA A 458 37.39 -15.25 1.24
N ALA A 459 37.47 -14.64 2.42
CA ALA A 459 36.40 -14.78 3.41
C ALA A 459 35.04 -14.37 2.84
N GLY A 460 35.01 -13.25 2.12
CA GLY A 460 33.78 -12.78 1.48
C GLY A 460 33.23 -13.75 0.44
N VAL A 461 34.07 -14.10 -0.54
CA VAL A 461 33.70 -15.02 -1.61
C VAL A 461 33.23 -16.35 -1.03
N GLU A 462 33.99 -16.85 -0.06
CA GLU A 462 33.64 -18.11 0.62
C GLU A 462 32.22 -18.03 1.20
N PHE A 463 31.93 -16.93 1.90
CA PHE A 463 30.59 -16.70 2.46
C PHE A 463 29.52 -16.74 1.37
N ALA A 464 29.79 -16.03 0.26
CA ALA A 464 28.87 -15.98 -0.87
C ALA A 464 28.62 -17.37 -1.46
N LYS A 465 29.71 -18.14 -1.60
CA LYS A 465 29.65 -19.52 -2.08
C LYS A 465 28.82 -20.39 -1.14
N SER A 466 29.14 -20.32 0.15
CA SER A 466 28.42 -21.09 1.16
C SER A 466 26.92 -20.83 1.08
N LYS A 467 26.54 -19.60 0.70
CA LYS A 467 25.14 -19.20 0.67
C LYS A 467 24.42 -19.47 -0.65
N GLY A 468 25.17 -19.95 -1.65
CA GLY A 468 24.60 -20.23 -2.97
C GLY A 468 24.50 -19.02 -3.89
N TYR A 469 25.08 -17.90 -3.47
CA TYR A 469 25.01 -16.68 -4.29
C TYR A 469 25.92 -16.78 -5.50
N VAL A 470 27.08 -17.41 -5.33
CA VAL A 470 28.01 -17.59 -6.43
C VAL A 470 28.56 -19.01 -6.51
N GLN A 471 29.02 -19.36 -7.70
CA GLN A 471 29.70 -20.62 -7.96
C GLN A 471 30.76 -20.34 -9.01
N THR A 472 31.57 -21.34 -9.31
CA THR A 472 32.61 -21.25 -10.34
C THR A 472 32.09 -20.62 -11.64
N GLY A 473 32.85 -19.64 -12.13
CA GLY A 473 32.53 -18.96 -13.39
C GLY A 473 31.69 -17.70 -13.27
N ASP A 474 31.20 -17.43 -12.07
CA ASP A 474 30.40 -16.23 -11.80
C ASP A 474 31.31 -15.03 -11.55
N TYR A 475 30.77 -13.83 -11.78
CA TYR A 475 31.49 -12.62 -11.44
C TYR A 475 31.09 -12.12 -10.05
N CYS A 476 32.07 -11.59 -9.33
CA CYS A 476 31.84 -10.97 -8.05
C CYS A 476 32.55 -9.63 -8.05
N VAL A 477 31.82 -8.56 -7.74
CA VAL A 477 32.42 -7.24 -7.65
C VAL A 477 32.96 -7.01 -6.24
N VAL A 478 34.25 -6.70 -6.16
CA VAL A 478 34.93 -6.55 -4.89
C VAL A 478 35.27 -5.09 -4.70
N ILE A 479 34.95 -4.54 -3.55
CA ILE A 479 35.33 -3.16 -3.34
C ILE A 479 36.03 -3.02 -1.98
N HIS A 480 37.07 -2.20 -1.95
CA HIS A 480 37.91 -2.03 -0.76
C HIS A 480 38.78 -0.78 -0.82
N ALA A 481 39.59 -0.60 0.23
CA ALA A 481 40.55 0.50 0.33
C ALA A 481 41.90 0.12 -0.28
N TYR A 488 37.90 4.70 3.83
CA TYR A 488 36.86 4.55 2.82
C TYR A 488 37.36 3.85 1.54
N ALA A 489 36.43 3.37 0.74
CA ALA A 489 36.72 2.56 -0.44
C ALA A 489 37.10 3.34 -1.70
N ASN A 490 38.11 2.87 -2.44
CA ASN A 490 38.54 3.52 -3.69
C ASN A 490 39.09 2.54 -4.74
N GLN A 491 39.02 1.26 -4.43
CA GLN A 491 39.57 0.19 -5.26
C GLN A 491 38.48 -0.82 -5.58
N THR A 492 38.33 -1.10 -6.87
CA THR A 492 37.31 -2.02 -7.34
C THR A 492 37.97 -3.14 -8.13
N ARG A 493 37.43 -4.33 -8.00
CA ARG A 493 37.96 -5.48 -8.69
C ARG A 493 36.77 -6.29 -9.19
N ILE A 494 36.80 -6.66 -10.47
CA ILE A 494 35.82 -7.59 -10.99
C ILE A 494 36.48 -8.97 -11.03
N LEU A 495 35.96 -9.86 -10.20
CA LEU A 495 36.61 -11.12 -9.85
C LEU A 495 35.86 -12.30 -10.48
N LEU A 496 36.59 -13.18 -11.15
CA LEU A 496 36.03 -14.45 -11.58
C LEU A 496 36.09 -15.42 -10.41
N VAL A 497 34.93 -15.96 -10.01
CA VAL A 497 34.88 -16.93 -8.91
C VAL A 497 35.49 -18.27 -9.33
N GLU A 498 36.47 -18.72 -8.55
CA GLU A 498 37.10 -20.02 -8.74
C GLU A 498 36.19 -21.14 -8.24
N SER B 1 12.04 10.54 -12.20
CA SER B 1 11.62 9.28 -11.53
C SER B 1 10.61 9.57 -10.42
N GLN B 2 9.98 8.52 -9.91
CA GLN B 2 9.09 8.66 -8.76
C GLN B 2 9.89 9.02 -7.51
N LEU B 3 11.06 8.39 -7.37
CA LEU B 3 11.93 8.65 -6.24
C LEU B 3 12.35 10.13 -6.21
N ALA B 4 12.82 10.64 -7.34
CA ALA B 4 13.16 12.07 -7.47
C ALA B 4 11.96 12.98 -7.18
N HIS B 5 10.77 12.57 -7.61
CA HIS B 5 9.56 13.35 -7.33
C HIS B 5 9.27 13.39 -5.82
N ASN B 6 9.47 12.28 -5.13
CA ASN B 6 9.26 12.19 -3.67
C ASN B 6 10.08 13.20 -2.86
N LEU B 7 11.29 13.51 -3.32
CA LEU B 7 12.16 14.46 -2.61
C LEU B 7 11.59 15.87 -2.55
N THR B 8 10.81 16.22 -3.57
CA THR B 8 10.33 17.60 -3.79
C THR B 8 8.98 17.84 -3.11
N LEU B 9 8.36 16.77 -2.64
CA LEU B 9 7.00 16.86 -2.11
C LEU B 9 6.93 17.44 -0.71
N SER B 10 5.83 18.14 -0.45
CA SER B 10 5.46 18.55 0.89
C SER B 10 3.98 18.26 1.14
N ILE B 11 3.70 17.57 2.26
CA ILE B 11 2.34 17.22 2.64
C ILE B 11 1.52 18.41 3.17
N PHE B 12 2.17 19.56 3.30
CA PHE B 12 1.46 20.79 3.68
C PHE B 12 1.24 21.71 2.48
N ASP B 13 1.64 21.25 1.29
CA ASP B 13 1.28 21.93 0.04
C ASP B 13 -0.18 21.66 -0.28
N PRO B 14 -0.86 22.62 -0.91
CA PRO B 14 -2.25 22.33 -1.32
C PRO B 14 -2.30 21.19 -2.35
N VAL B 15 -3.40 20.45 -2.34
CA VAL B 15 -3.59 19.33 -3.25
C VAL B 15 -3.97 19.83 -4.64
N ALA B 16 -3.87 18.94 -5.63
CA ALA B 16 -4.32 19.21 -6.99
C ALA B 16 -5.75 19.77 -7.03
N ASN B 17 -6.02 20.60 -8.03
CA ASN B 17 -7.37 21.13 -8.27
C ASN B 17 -8.35 20.18 -8.98
N TYR B 18 -7.89 18.95 -9.25
CA TYR B 18 -8.77 17.88 -9.76
C TYR B 18 -8.36 16.51 -9.22
N ARG B 19 -9.34 15.62 -9.14
CA ARG B 19 -9.09 14.22 -8.81
C ARG B 19 -9.17 13.42 -10.09
N ALA B 20 -8.15 12.62 -10.35
CA ALA B 20 -8.07 11.89 -11.60
C ALA B 20 -8.76 10.55 -11.46
N ALA B 21 -8.52 9.88 -10.33
CA ALA B 21 -9.12 8.56 -10.09
C ALA B 21 -10.64 8.65 -9.94
N ARG B 22 -11.31 7.53 -10.22
CA ARG B 22 -12.76 7.50 -10.27
C ARG B 22 -13.31 6.48 -9.28
N ILE B 23 -14.47 6.81 -8.71
CA ILE B 23 -15.05 5.99 -7.65
C ILE B 23 -16.33 5.28 -8.13
N ILE B 24 -16.31 3.95 -7.98
CA ILE B 24 -17.45 3.09 -8.25
C ILE B 24 -18.10 2.70 -6.93
N CYS B 25 -19.40 2.93 -6.82
CA CYS B 25 -20.16 2.57 -5.62
C CYS B 25 -21.23 1.53 -5.93
N THR B 26 -21.25 0.48 -5.13
CA THR B 26 -22.30 -0.50 -5.34
C THR B 26 -23.56 -0.17 -4.57
N ILE B 27 -24.67 -0.22 -5.29
CA ILE B 27 -25.94 0.21 -4.74
C ILE B 27 -26.62 -0.93 -4.01
N GLY B 28 -27.22 -0.59 -2.88
CA GLY B 28 -28.01 -1.53 -2.08
C GLY B 28 -29.11 -0.78 -1.36
N PRO B 29 -29.70 -1.42 -0.34
CA PRO B 29 -30.81 -0.83 0.44
C PRO B 29 -30.42 0.44 1.20
N SER B 30 -29.19 0.52 1.71
CA SER B 30 -28.66 1.76 2.28
C SER B 30 -28.75 2.94 1.30
N THR B 31 -28.56 2.64 0.01
CA THR B 31 -28.25 3.68 -0.98
C THR B 31 -29.14 3.75 -2.22
N GLN B 32 -30.17 2.90 -2.29
CA GLN B 32 -31.03 2.84 -3.49
C GLN B 32 -31.90 4.07 -3.76
N SER B 33 -32.27 4.80 -2.71
CA SER B 33 -33.17 5.95 -2.87
C SER B 33 -32.49 7.13 -3.59
N VAL B 34 -33.29 7.97 -4.27
CA VAL B 34 -32.73 9.11 -4.98
C VAL B 34 -31.98 10.12 -4.10
N GLU B 35 -32.43 10.32 -2.86
CA GLU B 35 -31.69 11.19 -1.94
C GLU B 35 -30.34 10.58 -1.51
N ALA B 36 -30.31 9.26 -1.33
CA ALA B 36 -29.07 8.58 -0.96
C ALA B 36 -28.10 8.63 -2.13
N LEU B 37 -28.63 8.42 -3.33
CA LEU B 37 -27.83 8.45 -4.56
C LEU B 37 -27.29 9.85 -4.85
N LYS B 38 -28.09 10.88 -4.58
CA LYS B 38 -27.64 12.26 -4.70
C LYS B 38 -26.50 12.56 -3.72
N GLY B 39 -26.63 12.08 -2.48
CA GLY B 39 -25.54 12.12 -1.51
C GLY B 39 -24.27 11.43 -2.02
N LEU B 40 -24.41 10.23 -2.57
CA LEU B 40 -23.29 9.51 -3.18
C LEU B 40 -22.58 10.33 -4.28
N ILE B 41 -23.35 10.82 -5.24
CA ILE B 41 -22.81 11.59 -6.37
C ILE B 41 -22.00 12.79 -5.87
N GLN B 42 -22.61 13.60 -5.00
CA GLN B 42 -21.95 14.74 -4.40
C GLN B 42 -20.74 14.34 -3.55
N SER B 43 -20.73 13.10 -3.05
CA SER B 43 -19.61 12.60 -2.27
C SER B 43 -18.44 12.18 -3.16
N GLY B 44 -18.73 11.93 -4.44
CA GLY B 44 -17.70 11.49 -5.39
C GLY B 44 -17.97 10.27 -6.26
N MET B 45 -19.16 9.68 -6.18
CA MET B 45 -19.50 8.51 -7.01
C MET B 45 -19.56 8.90 -8.48
N SER B 46 -18.88 8.13 -9.33
CA SER B 46 -18.95 8.34 -10.78
C SER B 46 -19.72 7.23 -11.43
N VAL B 47 -19.72 6.08 -10.75
CA VAL B 47 -20.25 4.87 -11.31
C VAL B 47 -21.11 4.15 -10.26
N ALA B 48 -22.30 3.76 -10.67
CA ALA B 48 -23.19 2.97 -9.82
C ALA B 48 -23.14 1.50 -10.23
N ARG B 49 -22.68 0.65 -9.31
CA ARG B 49 -22.65 -0.80 -9.53
C ARG B 49 -23.90 -1.47 -8.98
N MET B 50 -24.48 -2.34 -9.82
CA MET B 50 -25.56 -3.24 -9.43
C MET B 50 -25.02 -4.65 -9.31
N ASN B 51 -25.08 -5.18 -8.10
CA ASN B 51 -24.65 -6.54 -7.85
C ASN B 51 -25.81 -7.51 -8.13
N PHE B 52 -25.80 -8.11 -9.33
CA PHE B 52 -26.86 -9.05 -9.71
C PHE B 52 -26.77 -10.42 -9.03
N SER B 53 -25.92 -10.55 -8.03
CA SER B 53 -25.94 -11.73 -7.18
C SER B 53 -27.15 -11.70 -6.24
N HIS B 54 -27.66 -10.49 -5.97
CA HIS B 54 -28.84 -10.31 -5.11
C HIS B 54 -29.92 -9.53 -5.82
N GLY B 55 -31.14 -9.64 -5.31
CA GLY B 55 -32.25 -8.85 -5.81
C GLY B 55 -32.73 -9.30 -7.16
N SER B 56 -33.90 -8.81 -7.52
CA SER B 56 -34.57 -9.20 -8.74
C SER B 56 -34.55 -8.05 -9.73
N HIS B 57 -35.04 -8.33 -10.93
CA HIS B 57 -35.08 -7.33 -11.99
C HIS B 57 -35.79 -6.07 -11.55
N GLU B 58 -36.86 -6.22 -10.76
CA GLU B 58 -37.63 -5.06 -10.29
C GLU B 58 -36.80 -4.21 -9.34
N TYR B 59 -36.05 -4.86 -8.46
CA TYR B 59 -35.17 -4.16 -7.55
C TYR B 59 -34.13 -3.35 -8.33
N HIS B 60 -33.51 -3.97 -9.32
CA HIS B 60 -32.47 -3.32 -10.12
C HIS B 60 -33.04 -2.26 -11.07
N GLN B 61 -34.25 -2.48 -11.56
CA GLN B 61 -34.97 -1.48 -12.34
C GLN B 61 -35.12 -0.19 -11.54
N THR B 62 -35.42 -0.35 -10.25
CA THR B 62 -35.56 0.77 -9.34
C THR B 62 -34.22 1.50 -9.15
N THR B 63 -33.13 0.74 -9.06
CA THR B 63 -31.77 1.31 -8.98
C THR B 63 -31.49 2.18 -10.21
N ILE B 64 -31.74 1.61 -11.39
CA ILE B 64 -31.55 2.27 -12.67
C ILE B 64 -32.34 3.59 -12.76
N ASN B 65 -33.64 3.52 -12.44
CA ASN B 65 -34.49 4.71 -12.53
C ASN B 65 -34.06 5.78 -11.54
N ASN B 66 -33.70 5.33 -10.34
CA ASN B 66 -33.31 6.24 -9.27
C ASN B 66 -31.95 6.89 -9.57
N VAL B 67 -30.99 6.09 -10.04
CA VAL B 67 -29.70 6.63 -10.47
C VAL B 67 -29.96 7.76 -11.48
N ARG B 68 -30.75 7.45 -12.50
CA ARG B 68 -31.02 8.41 -13.58
C ARG B 68 -31.73 9.65 -13.07
N GLN B 69 -32.72 9.48 -12.18
CA GLN B 69 -33.36 10.62 -11.51
C GLN B 69 -32.38 11.47 -10.70
N ALA B 70 -31.52 10.82 -9.91
CA ALA B 70 -30.52 11.51 -9.11
C ALA B 70 -29.51 12.28 -9.95
N ALA B 71 -28.97 11.64 -10.98
CA ALA B 71 -28.02 12.31 -11.88
C ALA B 71 -28.66 13.49 -12.61
N ALA B 72 -29.90 13.33 -13.05
CA ALA B 72 -30.62 14.40 -13.76
C ALA B 72 -30.90 15.60 -12.86
N GLU B 73 -31.20 15.33 -11.59
CA GLU B 73 -31.45 16.42 -10.66
C GLU B 73 -30.18 17.21 -10.33
N LEU B 74 -29.02 16.57 -10.42
CA LEU B 74 -27.74 17.26 -10.12
C LEU B 74 -26.99 17.74 -11.36
N GLY B 75 -27.58 17.49 -12.53
CA GLY B 75 -26.99 17.90 -13.81
C GLY B 75 -25.71 17.18 -14.23
N VAL B 76 -25.58 15.91 -13.83
CA VAL B 76 -24.37 15.12 -14.17
C VAL B 76 -24.70 13.79 -14.84
N ASN B 77 -23.66 13.14 -15.37
CA ASN B 77 -23.80 11.84 -16.00
C ASN B 77 -23.12 10.78 -15.19
N ILE B 78 -23.90 9.81 -14.74
CA ILE B 78 -23.40 8.75 -13.89
C ILE B 78 -23.50 7.44 -14.66
N ALA B 79 -22.41 6.67 -14.69
CA ALA B 79 -22.45 5.38 -15.35
C ALA B 79 -23.22 4.35 -14.53
N ILE B 80 -23.85 3.41 -15.23
CA ILE B 80 -24.53 2.29 -14.57
C ILE B 80 -23.89 0.97 -14.99
N ALA B 81 -23.44 0.20 -14.01
CA ALA B 81 -22.79 -1.08 -14.27
C ALA B 81 -23.57 -2.28 -13.74
N LEU B 82 -23.66 -3.33 -14.56
CA LEU B 82 -24.29 -4.57 -14.18
C LEU B 82 -23.19 -5.60 -13.90
N ASP B 83 -23.05 -5.97 -12.63
CA ASP B 83 -22.10 -7.00 -12.23
C ASP B 83 -22.86 -8.31 -12.20
N THR B 84 -22.42 -9.27 -13.00
CA THR B 84 -23.13 -10.55 -13.15
C THR B 84 -22.91 -11.42 -11.93
N LYS B 85 -23.92 -12.24 -11.62
CA LYS B 85 -23.84 -13.23 -10.56
C LYS B 85 -22.76 -14.22 -10.93
N GLY B 86 -22.78 -14.68 -12.18
CA GLY B 86 -21.78 -15.60 -12.66
C GLY B 86 -22.03 -17.04 -12.27
N PRO B 87 -21.29 -17.96 -12.90
CA PRO B 87 -21.33 -19.37 -12.57
C PRO B 87 -20.77 -19.62 -11.18
N GLU B 88 -21.39 -20.55 -10.46
CA GLU B 88 -20.98 -20.88 -9.12
C GLU B 88 -20.90 -22.38 -8.91
N ILE B 89 -20.04 -22.77 -7.98
CA ILE B 89 -20.01 -24.13 -7.49
C ILE B 89 -20.45 -24.05 -6.03
N ARG B 90 -21.48 -24.82 -5.70
CA ARG B 90 -22.02 -24.86 -4.34
C ARG B 90 -22.18 -26.31 -3.88
N THR B 91 -22.18 -26.51 -2.57
CA THR B 91 -22.57 -27.79 -2.00
C THR B 91 -24.10 -27.92 -2.10
N GLY B 92 -24.61 -29.12 -1.82
CA GLY B 92 -26.05 -29.33 -1.75
C GLY B 92 -26.61 -29.00 -0.36
N GLN B 93 -27.74 -29.60 -0.03
CA GLN B 93 -28.33 -29.48 1.30
C GLN B 93 -27.82 -30.57 2.23
N PHE B 94 -28.03 -30.36 3.53
CA PHE B 94 -27.60 -31.31 4.55
C PHE B 94 -28.75 -31.73 5.47
N VAL B 95 -28.77 -33.01 5.83
CA VAL B 95 -29.70 -33.55 6.81
C VAL B 95 -29.55 -32.79 8.14
N GLY B 96 -30.55 -31.97 8.45
CA GLY B 96 -30.54 -31.14 9.67
C GLY B 96 -29.99 -29.73 9.49
N GLY B 97 -29.84 -29.32 8.22
CA GLY B 97 -29.36 -27.99 7.87
C GLY B 97 -27.91 -27.70 8.19
N ASP B 98 -27.15 -28.76 8.50
CA ASP B 98 -25.85 -28.61 9.17
C ASP B 98 -24.97 -29.85 9.05
N ALA B 99 -23.65 -29.64 9.04
CA ALA B 99 -22.68 -30.75 9.00
C ALA B 99 -21.36 -30.40 9.70
N VAL B 100 -21.13 -31.03 10.84
CA VAL B 100 -19.92 -30.78 11.65
C VAL B 100 -18.73 -31.58 11.12
N MET B 101 -17.86 -30.89 10.39
CA MET B 101 -16.65 -31.48 9.83
C MET B 101 -15.50 -31.35 10.82
N GLU B 102 -14.74 -32.44 10.99
CA GLU B 102 -13.71 -32.51 12.02
C GLU B 102 -12.35 -32.88 11.45
N ARG B 103 -11.29 -32.22 11.93
CA ARG B 103 -9.94 -32.49 11.46
C ARG B 103 -9.56 -33.96 11.63
N GLY B 104 -8.94 -34.53 10.60
CA GLY B 104 -8.56 -35.94 10.61
C GLY B 104 -9.62 -36.85 10.04
N ALA B 105 -10.88 -36.44 10.14
CA ALA B 105 -12.01 -37.22 9.62
C ALA B 105 -11.95 -37.38 8.10
N THR B 106 -12.63 -38.41 7.60
CA THR B 106 -12.72 -38.69 6.17
C THR B 106 -14.16 -38.44 5.71
N CYS B 107 -14.30 -37.77 4.56
CA CYS B 107 -15.62 -37.56 3.97
C CYS B 107 -15.63 -37.87 2.47
N TYR B 108 -16.83 -37.87 1.90
CA TYR B 108 -17.01 -38.20 0.49
C TYR B 108 -17.83 -37.10 -0.18
N VAL B 109 -17.30 -36.54 -1.25
CA VAL B 109 -18.01 -35.52 -2.03
C VAL B 109 -18.49 -36.11 -3.35
N THR B 110 -19.79 -35.96 -3.64
CA THR B 110 -20.38 -36.62 -4.80
C THR B 110 -20.94 -35.68 -5.87
N THR B 111 -20.70 -36.06 -7.12
CA THR B 111 -21.28 -35.42 -8.30
C THR B 111 -22.74 -35.89 -8.52
N ASP B 112 -23.08 -37.02 -7.90
CA ASP B 112 -24.42 -37.63 -7.97
C ASP B 112 -25.50 -36.73 -7.34
N PRO B 113 -26.47 -36.28 -8.15
CA PRO B 113 -27.54 -35.36 -7.73
C PRO B 113 -28.48 -35.94 -6.68
N ALA B 114 -28.60 -37.27 -6.62
CA ALA B 114 -29.43 -37.94 -5.62
C ALA B 114 -29.15 -37.48 -4.19
N PHE B 115 -27.91 -37.04 -3.94
CA PHE B 115 -27.49 -36.58 -2.62
C PHE B 115 -27.62 -35.06 -2.41
N ALA B 116 -28.22 -34.36 -3.38
CA ALA B 116 -28.40 -32.90 -3.32
C ALA B 116 -29.16 -32.45 -2.08
N ASP B 117 -30.15 -33.24 -1.67
CA ASP B 117 -31.01 -32.88 -0.55
C ASP B 117 -30.83 -33.72 0.73
N LYS B 118 -29.81 -34.59 0.74
CA LYS B 118 -29.52 -35.40 1.94
C LYS B 118 -28.02 -35.66 2.20
N GLY B 119 -27.25 -34.59 2.26
CA GLY B 119 -25.83 -34.68 2.61
C GLY B 119 -25.61 -34.82 4.11
N THR B 120 -24.49 -35.42 4.47
CA THR B 120 -24.04 -35.48 5.86
C THR B 120 -22.55 -35.17 5.90
N LYS B 121 -22.00 -35.13 7.12
CA LYS B 121 -20.55 -34.99 7.33
C LYS B 121 -19.72 -36.04 6.57
N ASP B 122 -20.34 -37.17 6.28
CA ASP B 122 -19.67 -38.32 5.66
C ASP B 122 -19.72 -38.31 4.13
N LYS B 123 -20.85 -37.87 3.58
CA LYS B 123 -21.04 -37.82 2.13
C LYS B 123 -22.02 -36.71 1.75
N PHE B 124 -21.59 -35.82 0.86
CA PHE B 124 -22.44 -34.71 0.41
C PHE B 124 -22.28 -34.31 -1.05
N TYR B 125 -23.24 -33.54 -1.54
CA TYR B 125 -23.31 -33.14 -2.94
C TYR B 125 -22.50 -31.89 -3.27
N ILE B 126 -21.90 -31.89 -4.45
CA ILE B 126 -21.30 -30.70 -5.07
C ILE B 126 -21.82 -30.61 -6.51
N ASP B 127 -22.37 -29.44 -6.87
CA ASP B 127 -23.16 -29.29 -8.11
C ASP B 127 -22.40 -29.11 -9.44
N TYR B 128 -21.07 -29.14 -9.37
CA TYR B 128 -20.23 -29.04 -10.57
C TYR B 128 -19.94 -30.45 -11.08
N GLN B 129 -20.62 -30.84 -12.15
CA GLN B 129 -20.61 -32.24 -12.63
C GLN B 129 -19.26 -32.75 -13.17
N ASN B 130 -18.42 -31.83 -13.63
CA ASN B 130 -17.06 -32.15 -14.07
C ASN B 130 -16.01 -32.13 -12.94
N LEU B 131 -16.48 -32.14 -11.69
CA LEU B 131 -15.60 -32.04 -10.51
C LEU B 131 -14.50 -33.09 -10.46
N SER B 132 -14.86 -34.35 -10.70
CA SER B 132 -13.94 -35.47 -10.58
C SER B 132 -12.87 -35.53 -11.67
N LYS B 133 -13.24 -35.16 -12.90
CA LYS B 133 -12.31 -35.16 -14.03
C LYS B 133 -11.38 -33.94 -14.08
N VAL B 134 -11.65 -32.96 -13.21
CA VAL B 134 -10.83 -31.75 -13.09
C VAL B 134 -9.89 -31.83 -11.86
N VAL B 135 -10.36 -32.50 -10.81
CA VAL B 135 -9.59 -32.67 -9.57
C VAL B 135 -8.76 -33.97 -9.58
N ARG B 136 -7.53 -33.88 -9.09
CA ARG B 136 -6.64 -35.04 -8.98
C ARG B 136 -6.34 -35.29 -7.49
N PRO B 137 -5.85 -36.50 -7.13
CA PRO B 137 -5.41 -36.72 -5.75
C PRO B 137 -4.29 -35.76 -5.36
N GLY B 138 -4.40 -35.18 -4.17
CA GLY B 138 -3.47 -34.14 -3.71
C GLY B 138 -4.06 -32.75 -3.73
N ASN B 139 -4.98 -32.51 -4.68
CA ASN B 139 -5.66 -31.22 -4.83
C ASN B 139 -6.53 -30.86 -3.63
N TYR B 140 -6.84 -29.57 -3.51
CA TYR B 140 -7.66 -29.08 -2.41
C TYR B 140 -9.03 -28.60 -2.88
N ILE B 141 -10.03 -28.83 -2.05
CA ILE B 141 -11.36 -28.25 -2.23
C ILE B 141 -11.59 -27.29 -1.08
N TYR B 142 -11.91 -26.04 -1.40
CA TYR B 142 -12.22 -25.03 -0.40
C TYR B 142 -13.74 -24.89 -0.35
N ILE B 143 -14.28 -24.83 0.86
CA ILE B 143 -15.73 -24.73 1.06
C ILE B 143 -16.03 -23.62 2.08
N ASP B 144 -17.02 -22.79 1.77
CA ASP B 144 -17.47 -21.72 2.66
C ASP B 144 -16.38 -20.65 2.81
N ASP B 145 -16.20 -19.85 1.75
CA ASP B 145 -15.17 -18.80 1.69
C ASP B 145 -13.75 -19.30 2.03
N GLY B 146 -13.48 -20.56 1.69
CA GLY B 146 -12.20 -21.19 1.98
C GLY B 146 -11.92 -21.46 3.44
N ILE B 147 -12.95 -21.38 4.29
CA ILE B 147 -12.79 -21.68 5.72
C ILE B 147 -12.57 -23.18 5.93
N LEU B 148 -13.41 -24.01 5.30
CA LEU B 148 -13.20 -25.47 5.31
C LEU B 148 -12.31 -25.89 4.14
N ILE B 149 -11.22 -26.58 4.45
CA ILE B 149 -10.29 -27.08 3.46
C ILE B 149 -10.31 -28.61 3.43
N LEU B 150 -10.60 -29.19 2.27
CA LEU B 150 -10.55 -30.63 2.08
C LEU B 150 -9.41 -31.01 1.14
N GLN B 151 -8.75 -32.13 1.42
CA GLN B 151 -7.76 -32.68 0.51
C GLN B 151 -8.31 -33.95 -0.13
N VAL B 152 -8.12 -34.08 -1.44
CA VAL B 152 -8.58 -35.24 -2.19
C VAL B 152 -7.57 -36.38 -2.08
N GLN B 153 -8.04 -37.52 -1.58
CA GLN B 153 -7.21 -38.72 -1.46
C GLN B 153 -7.29 -39.59 -2.70
N SER B 154 -8.51 -39.90 -3.14
CA SER B 154 -8.73 -40.79 -4.29
C SER B 154 -10.14 -40.67 -4.87
N HIS B 155 -10.33 -41.29 -6.04
CA HIS B 155 -11.64 -41.46 -6.64
C HIS B 155 -12.27 -42.77 -6.15
N GLU B 156 -13.32 -42.67 -5.33
CA GLU B 156 -14.07 -43.84 -4.88
C GLU B 156 -14.82 -44.46 -6.06
N ASP B 157 -15.47 -43.61 -6.85
CA ASP B 157 -15.98 -43.99 -8.17
C ASP B 157 -15.86 -42.82 -9.16
N GLU B 158 -16.56 -42.93 -10.29
CA GLU B 158 -16.58 -41.90 -11.33
C GLU B 158 -17.15 -40.56 -10.83
N GLN B 159 -18.07 -40.62 -9.88
CA GLN B 159 -18.78 -39.45 -9.37
C GLN B 159 -18.41 -39.03 -7.95
N THR B 160 -17.53 -39.79 -7.29
CA THR B 160 -17.28 -39.61 -5.86
C THR B 160 -15.79 -39.55 -5.53
N LEU B 161 -15.42 -38.58 -4.68
CA LEU B 161 -14.04 -38.41 -4.22
C LEU B 161 -13.93 -38.70 -2.72
N GLU B 162 -12.87 -39.40 -2.32
CA GLU B 162 -12.55 -39.58 -0.90
C GLU B 162 -11.68 -38.43 -0.42
N CYS B 163 -12.17 -37.67 0.56
CA CYS B 163 -11.47 -36.48 1.05
C CYS B 163 -11.14 -36.54 2.54
N THR B 164 -9.98 -36.00 2.89
CA THR B 164 -9.60 -35.78 4.29
C THR B 164 -10.01 -34.36 4.70
N VAL B 165 -10.70 -34.25 5.83
CA VAL B 165 -11.03 -32.96 6.40
C VAL B 165 -9.78 -32.43 7.13
N THR B 166 -9.14 -31.42 6.55
CA THR B 166 -7.84 -30.93 7.06
C THR B 166 -7.94 -29.93 8.21
N ASN B 167 -9.16 -29.43 8.49
CA ASN B 167 -9.41 -28.53 9.61
C ASN B 167 -10.87 -28.57 10.09
N SER B 168 -11.09 -28.19 11.34
CA SER B 168 -12.43 -28.25 11.94
C SER B 168 -13.28 -27.02 11.61
N HIS B 169 -14.38 -27.25 10.89
CA HIS B 169 -15.32 -26.20 10.50
C HIS B 169 -16.72 -26.79 10.32
N THR B 170 -17.73 -26.08 10.85
CA THR B 170 -19.14 -26.49 10.69
C THR B 170 -19.81 -25.71 9.55
N ILE B 171 -20.20 -26.44 8.51
CA ILE B 171 -20.82 -25.86 7.29
C ILE B 171 -22.34 -26.04 7.26
N SER B 172 -23.02 -25.13 6.57
CA SER B 172 -24.47 -25.23 6.33
C SER B 172 -24.76 -25.46 4.83
N ASP B 173 -26.05 -25.53 4.49
CA ASP B 173 -26.50 -25.85 3.11
C ASP B 173 -26.09 -24.80 2.08
N ARG B 174 -25.86 -25.23 0.84
CA ARG B 174 -25.63 -24.33 -0.31
C ARG B 174 -24.43 -23.38 -0.21
N ARG B 175 -23.39 -23.79 0.52
CA ARG B 175 -22.17 -22.98 0.67
C ARG B 175 -21.26 -23.03 -0.56
N GLY B 176 -20.60 -21.91 -0.86
CA GLY B 176 -19.76 -21.79 -2.06
C GLY B 176 -18.44 -22.53 -1.96
N VAL B 177 -18.06 -23.22 -3.04
CA VAL B 177 -16.80 -23.98 -3.06
C VAL B 177 -15.80 -23.47 -4.11
N ASN B 178 -14.52 -23.59 -3.77
CA ASN B 178 -13.43 -23.17 -4.64
C ASN B 178 -12.47 -24.31 -4.92
N LEU B 179 -11.87 -24.29 -6.10
CA LEU B 179 -10.94 -25.32 -6.54
C LEU B 179 -9.60 -24.67 -6.91
N PRO B 180 -8.72 -24.45 -5.91
CA PRO B 180 -7.48 -23.68 -6.04
C PRO B 180 -6.52 -24.07 -7.17
N GLY B 181 -6.23 -25.36 -7.31
CA GLY B 181 -5.26 -25.81 -8.31
C GLY B 181 -5.85 -25.98 -9.70
N CYS B 182 -7.18 -26.00 -9.77
CA CYS B 182 -7.88 -26.55 -10.93
C CYS B 182 -8.38 -25.53 -11.94
N ASP B 183 -8.34 -25.94 -13.21
CA ASP B 183 -8.93 -25.18 -14.30
C ASP B 183 -10.42 -25.48 -14.36
N VAL B 184 -11.19 -24.72 -13.59
CA VAL B 184 -12.65 -24.81 -13.61
C VAL B 184 -13.15 -24.48 -15.01
N ASP B 185 -13.97 -25.38 -15.56
CA ASP B 185 -14.45 -25.21 -16.93
C ASP B 185 -15.95 -24.92 -17.01
N LEU B 186 -16.51 -24.43 -15.90
CA LEU B 186 -17.89 -23.94 -15.87
C LEU B 186 -18.09 -22.94 -17.00
N PRO B 187 -19.32 -22.84 -17.52
CA PRO B 187 -19.55 -21.92 -18.61
C PRO B 187 -19.21 -20.50 -18.19
N ALA B 188 -18.80 -19.69 -19.16
CA ALA B 188 -18.55 -18.28 -18.92
C ALA B 188 -19.74 -17.66 -18.21
N VAL B 189 -20.87 -17.66 -18.91
CA VAL B 189 -22.10 -17.08 -18.41
C VAL B 189 -23.15 -18.17 -18.25
N SER B 190 -23.82 -18.16 -17.10
CA SER B 190 -24.89 -19.10 -16.82
C SER B 190 -26.17 -18.68 -17.54
N ALA B 191 -27.26 -19.37 -17.21
CA ALA B 191 -28.58 -19.03 -17.73
C ALA B 191 -29.08 -17.70 -17.18
N LYS B 192 -29.01 -17.53 -15.85
CA LYS B 192 -29.38 -16.26 -15.21
C LYS B 192 -28.59 -15.10 -15.84
N ASP B 193 -27.28 -15.30 -16.00
CA ASP B 193 -26.42 -14.29 -16.64
C ASP B 193 -26.97 -13.85 -17.99
N ARG B 194 -27.33 -14.82 -18.84
CA ARG B 194 -27.80 -14.54 -20.19
C ARG B 194 -29.10 -13.74 -20.22
N VAL B 195 -29.94 -13.89 -19.19
CA VAL B 195 -31.21 -13.17 -19.12
C VAL B 195 -31.02 -11.83 -18.41
N ASP B 196 -30.12 -11.80 -17.45
CA ASP B 196 -29.67 -10.54 -16.84
C ASP B 196 -29.04 -9.63 -17.88
N LEU B 197 -28.16 -10.19 -18.70
CA LEU B 197 -27.45 -9.43 -19.73
C LEU B 197 -28.39 -8.85 -20.78
N GLN B 198 -29.42 -9.60 -21.18
CA GLN B 198 -30.43 -9.05 -22.09
C GLN B 198 -31.28 -7.96 -21.40
N PHE B 199 -31.57 -8.16 -20.12
CA PHE B 199 -32.22 -7.10 -19.32
C PHE B 199 -31.39 -5.82 -19.35
N GLY B 200 -30.08 -5.98 -19.13
CA GLY B 200 -29.15 -4.86 -19.13
C GLY B 200 -29.15 -4.14 -20.46
N VAL B 201 -29.11 -4.91 -21.53
CA VAL B 201 -29.20 -4.36 -22.89
C VAL B 201 -30.49 -3.55 -23.04
N GLU B 202 -31.62 -4.15 -22.66
CA GLU B 202 -32.92 -3.47 -22.70
C GLU B 202 -32.98 -2.20 -21.85
N GLN B 203 -32.33 -2.20 -20.68
CA GLN B 203 -32.36 -1.01 -19.82
C GLN B 203 -31.24 0.01 -20.09
N GLY B 204 -30.43 -0.30 -21.10
CA GLY B 204 -29.37 0.59 -21.56
C GLY B 204 -28.29 0.81 -20.52
N VAL B 205 -27.78 -0.28 -19.94
CA VAL B 205 -26.67 -0.17 -18.98
C VAL B 205 -25.39 0.18 -19.74
N ASP B 206 -24.44 0.80 -19.06
CA ASP B 206 -23.26 1.30 -19.75
C ASP B 206 -22.15 0.25 -19.89
N MET B 207 -22.03 -0.62 -18.90
CA MET B 207 -20.95 -1.60 -18.87
C MET B 207 -21.36 -2.87 -18.16
N ILE B 208 -20.69 -3.96 -18.47
CA ILE B 208 -20.84 -5.20 -17.71
C ILE B 208 -19.58 -5.49 -16.88
N PHE B 209 -19.77 -5.73 -15.58
CA PHE B 209 -18.72 -6.35 -14.78
C PHE B 209 -18.96 -7.87 -14.84
N ALA B 210 -18.22 -8.54 -15.72
CA ALA B 210 -18.42 -9.96 -15.96
C ALA B 210 -17.61 -10.80 -14.97
N SER B 211 -18.34 -11.55 -14.14
CA SER B 211 -17.75 -12.34 -13.07
C SER B 211 -16.92 -13.52 -13.56
N PHE B 212 -15.89 -13.87 -12.79
CA PHE B 212 -15.14 -15.13 -12.95
C PHE B 212 -14.61 -15.38 -14.37
N ILE B 213 -14.05 -14.35 -14.99
CA ILE B 213 -13.45 -14.52 -16.32
C ILE B 213 -12.09 -15.18 -16.19
N ARG B 214 -11.94 -16.34 -16.84
CA ARG B 214 -10.75 -17.17 -16.72
C ARG B 214 -10.07 -17.36 -18.06
N SER B 215 -10.74 -16.94 -19.13
CA SER B 215 -10.30 -17.27 -20.47
C SER B 215 -10.80 -16.23 -21.46
N ALA B 216 -10.10 -16.10 -22.59
CA ALA B 216 -10.43 -15.12 -23.60
C ALA B 216 -11.73 -15.46 -24.31
N GLU B 217 -11.94 -16.75 -24.57
CA GLU B 217 -13.13 -17.24 -25.25
C GLU B 217 -14.39 -16.94 -24.43
N GLN B 218 -14.23 -16.91 -23.12
CA GLN B 218 -15.33 -16.59 -22.21
C GLN B 218 -15.80 -15.16 -22.41
N VAL B 219 -14.87 -14.26 -22.79
CA VAL B 219 -15.22 -12.87 -23.09
C VAL B 219 -16.15 -12.82 -24.31
N GLY B 220 -15.90 -13.69 -25.27
CA GLY B 220 -16.75 -13.83 -26.44
C GLY B 220 -18.18 -14.26 -26.12
N ASP B 221 -18.33 -15.09 -25.09
CA ASP B 221 -19.67 -15.54 -24.67
C ASP B 221 -20.47 -14.42 -24.06
N VAL B 222 -19.82 -13.57 -23.25
CA VAL B 222 -20.46 -12.36 -22.70
C VAL B 222 -20.87 -11.45 -23.86
N ARG B 223 -19.98 -11.32 -24.83
CA ARG B 223 -20.25 -10.54 -26.04
C ARG B 223 -21.43 -11.09 -26.83
N LYS B 224 -21.45 -12.40 -27.10
CA LYS B 224 -22.57 -13.00 -27.82
C LYS B 224 -23.88 -12.86 -27.04
N ALA B 225 -23.84 -13.14 -25.74
CA ALA B 225 -25.01 -12.95 -24.87
C ALA B 225 -25.53 -11.51 -24.85
N LEU B 226 -24.64 -10.53 -24.98
CA LEU B 226 -25.07 -9.13 -25.03
C LEU B 226 -25.79 -8.83 -26.34
N GLY B 227 -25.51 -9.62 -27.36
CA GLY B 227 -26.20 -9.54 -28.64
C GLY B 227 -25.83 -8.32 -29.48
N PRO B 228 -26.45 -8.22 -30.67
CA PRO B 228 -26.19 -7.15 -31.65
C PRO B 228 -26.55 -5.78 -31.11
N LYS B 229 -27.61 -5.72 -30.29
CA LYS B 229 -28.07 -4.49 -29.66
C LYS B 229 -27.21 -4.07 -28.47
N GLY B 230 -26.33 -4.97 -28.03
CA GLY B 230 -25.44 -4.67 -26.92
C GLY B 230 -23.99 -4.39 -27.30
N ARG B 231 -23.74 -4.20 -28.60
CA ARG B 231 -22.37 -4.11 -29.11
C ARG B 231 -21.54 -2.95 -28.54
N ASP B 232 -22.21 -1.88 -28.10
CA ASP B 232 -21.58 -0.67 -27.59
C ASP B 232 -21.42 -0.64 -26.07
N ILE B 233 -21.82 -1.72 -25.43
CA ILE B 233 -21.71 -1.88 -23.99
C ILE B 233 -20.32 -2.44 -23.66
N MET B 234 -19.60 -1.78 -22.76
CA MET B 234 -18.24 -2.18 -22.38
C MET B 234 -18.24 -3.45 -21.52
N ILE B 235 -17.34 -4.38 -21.81
CA ILE B 235 -17.21 -5.60 -21.01
C ILE B 235 -15.96 -5.55 -20.15
N ILE B 236 -16.16 -5.35 -18.85
CA ILE B 236 -15.07 -5.33 -17.88
C ILE B 236 -14.95 -6.70 -17.21
N CYS B 237 -13.82 -7.36 -17.42
CA CYS B 237 -13.61 -8.72 -16.94
C CYS B 237 -13.11 -8.76 -15.50
N LYS B 238 -13.83 -9.50 -14.66
CA LYS B 238 -13.43 -9.67 -13.26
C LYS B 238 -12.44 -10.82 -13.15
N ILE B 239 -11.25 -10.50 -12.64
CA ILE B 239 -10.18 -11.49 -12.50
C ILE B 239 -10.17 -11.95 -11.05
N GLU B 240 -10.49 -13.22 -10.84
CA GLU B 240 -10.85 -13.75 -9.53
C GLU B 240 -10.06 -15.00 -9.12
N ASN B 241 -9.31 -15.57 -10.05
CA ASN B 241 -8.51 -16.75 -9.76
C ASN B 241 -7.27 -16.85 -10.64
N HIS B 242 -6.43 -17.83 -10.35
CA HIS B 242 -5.15 -18.03 -11.02
C HIS B 242 -5.24 -18.13 -12.55
N GLN B 243 -6.26 -18.82 -13.04
CA GLN B 243 -6.52 -18.95 -14.47
C GLN B 243 -6.62 -17.60 -15.16
N GLY B 244 -7.43 -16.72 -14.59
CA GLY B 244 -7.63 -15.38 -15.12
C GLY B 244 -6.32 -14.60 -15.11
N VAL B 245 -5.54 -14.78 -14.05
CA VAL B 245 -4.22 -14.16 -13.92
C VAL B 245 -3.25 -14.73 -14.95
N GLN B 246 -3.34 -16.03 -15.19
CA GLN B 246 -2.43 -16.72 -16.12
C GLN B 246 -2.74 -16.34 -17.57
N ASN B 247 -4.02 -16.08 -17.86
CA ASN B 247 -4.45 -15.80 -19.23
C ASN B 247 -4.67 -14.32 -19.50
N ILE B 248 -4.18 -13.48 -18.58
CA ILE B 248 -4.44 -12.05 -18.58
C ILE B 248 -4.19 -11.31 -19.91
N ASP B 249 -3.10 -11.65 -20.60
CA ASP B 249 -2.78 -11.00 -21.88
C ASP B 249 -3.91 -11.17 -22.89
N SER B 250 -4.38 -12.40 -23.06
CA SER B 250 -5.43 -12.67 -24.02
C SER B 250 -6.78 -12.12 -23.56
N ILE B 251 -7.02 -12.11 -22.24
CA ILE B 251 -8.27 -11.53 -21.69
C ILE B 251 -8.34 -10.02 -21.92
N ILE B 252 -7.27 -9.31 -21.57
CA ILE B 252 -7.20 -7.87 -21.80
C ILE B 252 -7.43 -7.50 -23.27
N GLU B 253 -6.78 -8.23 -24.16
CA GLU B 253 -6.95 -8.02 -25.61
C GLU B 253 -8.43 -8.04 -26.02
N GLU B 254 -9.19 -9.02 -25.51
CA GLU B 254 -10.60 -9.20 -25.88
C GLU B 254 -11.62 -8.31 -25.15
N SER B 255 -11.31 -7.92 -23.91
CA SER B 255 -12.25 -7.14 -23.10
C SER B 255 -12.06 -5.63 -23.27
N ASP B 256 -12.85 -4.84 -22.55
CA ASP B 256 -12.72 -3.39 -22.64
C ASP B 256 -12.07 -2.85 -21.37
N GLY B 257 -11.70 -3.76 -20.48
CA GLY B 257 -11.10 -3.42 -19.22
C GLY B 257 -11.17 -4.58 -18.25
N ILE B 258 -10.66 -4.34 -17.05
CA ILE B 258 -10.39 -5.36 -16.05
C ILE B 258 -10.72 -4.86 -14.64
N MET B 259 -11.31 -5.75 -13.84
CA MET B 259 -11.44 -5.53 -12.42
C MET B 259 -10.52 -6.51 -11.69
N VAL B 260 -9.71 -5.99 -10.79
CA VAL B 260 -8.88 -6.82 -9.93
C VAL B 260 -9.67 -7.10 -8.65
N ALA B 261 -10.17 -8.32 -8.53
CA ALA B 261 -10.96 -8.73 -7.37
C ALA B 261 -10.05 -9.36 -6.33
N ARG B 262 -9.45 -8.52 -5.49
CA ARG B 262 -8.41 -8.97 -4.57
C ARG B 262 -8.89 -10.06 -3.61
N GLY B 263 -10.08 -9.87 -3.04
CA GLY B 263 -10.62 -10.82 -2.07
C GLY B 263 -10.76 -12.20 -2.66
N ASP B 264 -11.35 -12.25 -3.86
CA ASP B 264 -11.60 -13.50 -4.56
C ASP B 264 -10.29 -14.18 -4.94
N LEU B 265 -9.36 -13.42 -5.49
CA LEU B 265 -8.04 -13.94 -5.83
C LEU B 265 -7.34 -14.54 -4.61
N GLY B 266 -7.59 -13.95 -3.45
CA GLY B 266 -6.94 -14.34 -2.21
C GLY B 266 -7.39 -15.66 -1.62
N VAL B 267 -8.50 -16.21 -2.14
CA VAL B 267 -9.02 -17.45 -1.59
C VAL B 267 -8.06 -18.60 -1.86
N GLU B 268 -7.48 -18.61 -3.06
CA GLU B 268 -6.50 -19.64 -3.47
C GLU B 268 -5.05 -19.13 -3.57
N ILE B 269 -4.87 -17.82 -3.67
CA ILE B 269 -3.53 -17.24 -3.87
C ILE B 269 -3.07 -16.53 -2.60
N PRO B 270 -1.84 -16.82 -2.12
CA PRO B 270 -1.40 -16.13 -0.89
C PRO B 270 -1.50 -14.61 -1.05
N ALA B 271 -1.83 -13.94 0.05
CA ALA B 271 -2.11 -12.51 0.05
C ALA B 271 -1.00 -11.69 -0.59
N GLU B 272 0.25 -12.02 -0.25
CA GLU B 272 1.40 -11.27 -0.75
C GLU B 272 1.59 -11.42 -2.26
N LYS B 273 1.09 -12.52 -2.82
CA LYS B 273 1.13 -12.69 -4.26
C LYS B 273 0.01 -11.95 -4.98
N VAL B 274 -1.13 -11.78 -4.31
CA VAL B 274 -2.24 -11.02 -4.88
C VAL B 274 -1.85 -9.53 -5.02
N VAL B 275 -1.11 -9.03 -4.03
CA VAL B 275 -0.55 -7.68 -4.05
C VAL B 275 0.26 -7.45 -5.33
N VAL B 276 1.11 -8.42 -5.66
CA VAL B 276 1.92 -8.41 -6.87
C VAL B 276 1.06 -8.56 -8.14
N ALA B 277 0.14 -9.51 -8.12
CA ALA B 277 -0.83 -9.66 -9.22
C ALA B 277 -1.53 -8.34 -9.57
N GLN B 278 -1.93 -7.60 -8.54
CA GLN B 278 -2.51 -6.28 -8.69
C GLN B 278 -1.59 -5.34 -9.47
N LYS B 279 -0.30 -5.35 -9.12
CA LYS B 279 0.70 -4.55 -9.85
C LYS B 279 0.76 -4.95 -11.32
N ILE B 280 0.80 -6.25 -11.57
CA ILE B 280 0.94 -6.78 -12.92
C ILE B 280 -0.26 -6.41 -13.78
N LEU B 281 -1.44 -6.65 -13.23
CA LEU B 281 -2.67 -6.47 -13.96
C LEU B 281 -2.91 -5.00 -14.24
N ILE B 282 -2.67 -4.15 -13.23
CA ILE B 282 -2.84 -2.72 -13.42
C ILE B 282 -1.90 -2.18 -14.51
N SER B 283 -0.62 -2.57 -14.45
CA SER B 283 0.34 -2.12 -15.45
C SER B 283 0.01 -2.62 -16.85
N LYS B 284 -0.38 -3.89 -16.97
CA LYS B 284 -0.79 -4.43 -18.27
C LYS B 284 -1.95 -3.61 -18.88
N CYS B 285 -2.94 -3.29 -18.06
CA CYS B 285 -4.06 -2.46 -18.50
C CYS B 285 -3.66 -1.04 -18.85
N ASN B 286 -2.78 -0.44 -18.04
CA ASN B 286 -2.22 0.88 -18.31
C ASN B 286 -1.56 0.91 -19.69
N VAL B 287 -0.81 -0.13 -20.02
CA VAL B 287 -0.12 -0.22 -21.32
C VAL B 287 -1.09 -0.54 -22.46
N ALA B 288 -2.14 -1.31 -22.18
CA ALA B 288 -3.14 -1.59 -23.19
C ALA B 288 -4.03 -0.38 -23.44
N GLY B 289 -4.04 0.55 -22.50
CA GLY B 289 -4.96 1.69 -22.56
C GLY B 289 -6.40 1.30 -22.23
N LYS B 290 -6.56 0.29 -21.39
CA LYS B 290 -7.91 -0.14 -20.97
C LYS B 290 -8.13 0.09 -19.47
N PRO B 291 -9.30 0.65 -19.10
CA PRO B 291 -9.55 0.94 -17.69
C PRO B 291 -9.29 -0.26 -16.80
N VAL B 292 -8.77 0.00 -15.61
CA VAL B 292 -8.59 -1.04 -14.62
C VAL B 292 -9.12 -0.59 -13.26
N ILE B 293 -9.86 -1.50 -12.63
CA ILE B 293 -10.56 -1.25 -11.40
C ILE B 293 -9.94 -2.09 -10.30
N CYS B 294 -9.63 -1.42 -9.19
CA CYS B 294 -9.22 -2.08 -7.98
C CYS B 294 -10.45 -2.25 -7.05
N ALA B 295 -10.77 -3.50 -6.73
CA ALA B 295 -12.04 -3.85 -6.07
C ALA B 295 -11.94 -4.84 -4.90
N THR B 296 -12.96 -4.82 -4.03
CA THR B 296 -13.07 -5.67 -2.84
C THR B 296 -12.06 -5.27 -1.76
N GLN B 297 -12.50 -5.36 -0.50
CA GLN B 297 -11.63 -5.11 0.66
C GLN B 297 -10.92 -3.77 0.56
N MET B 298 -11.68 -2.71 0.25
CA MET B 298 -11.08 -1.39 0.01
C MET B 298 -11.09 -0.50 1.26
N LEU B 299 -12.28 -0.13 1.72
CA LEU B 299 -12.38 0.53 3.01
C LEU B 299 -13.39 -0.25 3.87
N GLU B 300 -13.17 -1.57 3.92
CA GLU B 300 -14.15 -2.52 4.42
C GLU B 300 -14.63 -2.26 5.85
N SER B 301 -13.70 -1.90 6.73
CA SER B 301 -14.03 -1.69 8.14
C SER B 301 -14.94 -0.48 8.33
N MET B 302 -15.03 0.36 7.31
CA MET B 302 -15.84 1.57 7.37
C MET B 302 -17.31 1.27 7.02
N THR B 303 -17.64 0.00 6.90
CA THR B 303 -19.03 -0.44 6.73
C THR B 303 -19.83 -0.13 8.01
N TYR B 304 -19.20 -0.35 9.16
CA TYR B 304 -19.87 -0.14 10.45
C TYR B 304 -19.11 0.80 11.41
N ASN B 305 -17.83 1.03 11.14
CA ASN B 305 -17.05 2.03 11.89
C ASN B 305 -17.01 3.36 11.14
N PRO B 306 -17.02 4.49 11.88
CA PRO B 306 -17.00 5.80 11.18
C PRO B 306 -15.64 6.12 10.56
N ARG B 307 -14.67 5.24 10.78
CA ARG B 307 -13.29 5.50 10.42
C ARG B 307 -12.62 4.19 9.98
N PRO B 308 -11.76 4.25 8.94
CA PRO B 308 -11.10 3.03 8.50
C PRO B 308 -9.78 2.79 9.24
N THR B 309 -9.19 1.61 9.04
CA THR B 309 -7.85 1.40 9.57
C THR B 309 -6.86 2.13 8.68
N ARG B 310 -5.70 2.40 9.24
CA ARG B 310 -4.59 3.03 8.55
C ARG B 310 -4.12 2.17 7.38
N ALA B 311 -4.09 0.85 7.58
CA ALA B 311 -3.66 -0.07 6.53
C ALA B 311 -4.62 0.01 5.36
N GLU B 312 -5.90 0.24 5.65
CA GLU B 312 -6.92 0.42 4.61
C GLU B 312 -6.67 1.69 3.79
N VAL B 313 -6.37 2.80 4.46
CA VAL B 313 -6.05 4.06 3.76
C VAL B 313 -4.89 3.83 2.80
N SER B 314 -3.85 3.18 3.33
CA SER B 314 -2.65 2.88 2.60
C SER B 314 -2.90 1.97 1.39
N ASP B 315 -3.79 0.98 1.54
CA ASP B 315 -4.25 0.11 0.44
C ASP B 315 -4.83 0.94 -0.70
N VAL B 316 -5.74 1.85 -0.38
CA VAL B 316 -6.34 2.74 -1.37
C VAL B 316 -5.32 3.66 -2.06
N ALA B 317 -4.43 4.29 -1.30
CA ALA B 317 -3.42 5.16 -1.90
C ALA B 317 -2.55 4.40 -2.90
N ASN B 318 -2.13 3.19 -2.52
CA ASN B 318 -1.22 2.40 -3.35
C ASN B 318 -1.90 1.83 -4.58
N ALA B 319 -3.22 1.62 -4.53
CA ALA B 319 -3.99 1.29 -5.73
C ALA B 319 -3.79 2.40 -6.77
N VAL B 320 -3.87 3.64 -6.29
CA VAL B 320 -3.64 4.80 -7.15
C VAL B 320 -2.19 4.83 -7.63
N PHE B 321 -1.24 4.64 -6.71
CA PHE B 321 0.17 4.61 -7.09
C PHE B 321 0.49 3.48 -8.10
N ASN B 322 -0.15 2.32 -7.97
CA ASN B 322 -0.03 1.23 -8.94
C ASN B 322 -0.46 1.66 -10.34
N GLY B 323 -1.37 2.63 -10.37
CA GLY B 323 -1.95 3.13 -11.61
C GLY B 323 -3.39 2.72 -11.89
N ALA B 324 -4.18 2.38 -10.87
CA ALA B 324 -5.57 2.03 -11.10
C ALA B 324 -6.36 3.24 -11.63
N ASP B 325 -7.28 3.00 -12.57
CA ASP B 325 -8.17 4.06 -13.04
C ASP B 325 -9.24 4.28 -11.97
N CYS B 326 -9.64 3.18 -11.34
CA CYS B 326 -10.82 3.18 -10.50
C CYS B 326 -10.61 2.44 -9.21
N VAL B 327 -11.27 2.94 -8.17
CA VAL B 327 -11.39 2.24 -6.91
C VAL B 327 -12.87 1.96 -6.64
N MET B 328 -13.17 0.79 -6.11
CA MET B 328 -14.57 0.38 -5.97
C MET B 328 -14.94 0.09 -4.53
N LEU B 329 -16.12 0.56 -4.16
CA LEU B 329 -16.71 0.27 -2.87
C LEU B 329 -17.83 -0.74 -3.04
N SER B 330 -17.90 -1.71 -2.13
CA SER B 330 -18.91 -2.77 -2.16
C SER B 330 -19.91 -2.62 -1.02
N GLY B 331 -19.76 -3.43 0.03
CA GLY B 331 -20.65 -3.36 1.19
C GLY B 331 -20.66 -2.01 1.88
N GLU B 332 -19.56 -1.26 1.71
CA GLU B 332 -19.40 0.03 2.38
C GLU B 332 -20.49 1.00 1.98
N THR B 333 -21.00 0.84 0.76
CA THR B 333 -22.07 1.69 0.26
C THR B 333 -23.37 0.91 0.07
N ALA B 334 -23.27 -0.38 -0.26
CA ALA B 334 -24.46 -1.21 -0.46
C ALA B 334 -25.26 -1.43 0.83
N LYS B 335 -24.58 -1.80 1.90
CA LYS B 335 -25.23 -2.09 3.19
C LYS B 335 -24.71 -1.23 4.36
N GLY B 336 -23.75 -0.35 4.07
CA GLY B 336 -23.02 0.37 5.10
C GLY B 336 -23.77 1.44 5.88
N LYS B 337 -23.20 1.80 7.02
CA LYS B 337 -23.77 2.82 7.90
C LYS B 337 -23.28 4.23 7.55
N TYR B 338 -22.16 4.33 6.84
CA TYR B 338 -21.57 5.62 6.48
C TYR B 338 -21.31 5.76 4.98
N PRO B 339 -22.36 5.56 4.16
CA PRO B 339 -22.13 5.58 2.71
C PRO B 339 -21.49 6.88 2.19
N ASN B 340 -21.98 8.03 2.64
CA ASN B 340 -21.45 9.30 2.16
C ASN B 340 -20.02 9.49 2.63
N GLU B 341 -19.77 9.22 3.91
CA GLU B 341 -18.45 9.43 4.49
C GLU B 341 -17.38 8.50 3.92
N VAL B 342 -17.75 7.28 3.52
CA VAL B 342 -16.74 6.39 2.94
C VAL B 342 -16.33 6.84 1.53
N VAL B 343 -17.27 7.33 0.74
CA VAL B 343 -17.00 7.85 -0.60
C VAL B 343 -16.17 9.15 -0.50
N GLN B 344 -16.54 10.05 0.41
CA GLN B 344 -15.81 11.30 0.66
C GLN B 344 -14.37 11.03 1.10
N TYR B 345 -14.20 10.07 2.00
CA TYR B 345 -12.86 9.72 2.44
C TYR B 345 -12.04 9.11 1.30
N MET B 346 -12.68 8.24 0.52
CA MET B 346 -12.02 7.65 -0.62
C MET B 346 -11.61 8.68 -1.67
N ALA B 347 -12.44 9.71 -1.88
CA ALA B 347 -12.07 10.80 -2.77
C ALA B 347 -10.84 11.54 -2.24
N ARG B 348 -10.82 11.81 -0.94
CA ARG B 348 -9.71 12.51 -0.26
C ARG B 348 -8.39 11.73 -0.36
N ILE B 349 -8.46 10.41 -0.19
CA ILE B 349 -7.26 9.56 -0.26
C ILE B 349 -6.70 9.55 -1.68
N CYS B 350 -7.59 9.37 -2.67
CA CYS B 350 -7.20 9.39 -4.08
C CYS B 350 -6.53 10.72 -4.47
N LEU B 351 -7.08 11.83 -3.98
CA LEU B 351 -6.61 13.15 -4.30
C LEU B 351 -5.25 13.42 -3.68
N GLU B 352 -5.10 13.05 -2.42
CA GLU B 352 -3.81 13.13 -1.76
C GLU B 352 -2.74 12.30 -2.49
N ALA B 353 -3.10 11.08 -2.89
CA ALA B 353 -2.13 10.20 -3.57
C ALA B 353 -1.72 10.76 -4.93
N GLN B 354 -2.69 11.28 -5.65
CA GLN B 354 -2.45 11.90 -6.94
C GLN B 354 -1.45 13.06 -6.85
N SER B 355 -1.54 13.83 -5.77
CA SER B 355 -0.63 14.95 -5.56
C SER B 355 0.81 14.46 -5.39
N ALA B 356 0.97 13.20 -4.98
CA ALA B 356 2.28 12.61 -4.79
C ALA B 356 2.76 11.76 -5.97
N LEU B 357 1.88 11.50 -6.92
CA LEU B 357 2.18 10.58 -8.01
C LEU B 357 2.83 11.36 -9.15
N ASN B 358 3.94 10.84 -9.67
CA ASN B 358 4.58 11.49 -10.80
C ASN B 358 4.01 10.94 -12.10
N GLU B 359 3.14 11.72 -12.75
CA GLU B 359 2.48 11.27 -14.00
C GLU B 359 3.47 11.05 -15.13
N TYR B 360 4.56 11.82 -15.14
CA TYR B 360 5.56 11.74 -16.19
C TYR B 360 6.25 10.37 -16.27
N VAL B 361 6.43 9.72 -15.12
CA VAL B 361 6.96 8.36 -15.08
C VAL B 361 6.01 7.43 -15.86
N PHE B 362 4.70 7.64 -15.70
CA PHE B 362 3.74 6.85 -16.48
C PHE B 362 3.83 7.17 -17.95
N PHE B 363 3.82 8.46 -18.29
CA PHE B 363 3.93 8.89 -19.68
C PHE B 363 5.15 8.32 -20.39
N ASN B 364 6.30 8.47 -19.73
CA ASN B 364 7.58 8.07 -20.31
C ASN B 364 7.70 6.55 -20.42
N SER B 365 7.26 5.82 -19.40
CA SER B 365 7.33 4.35 -19.41
C SER B 365 6.50 3.77 -20.52
N ILE B 366 5.31 4.34 -20.72
CA ILE B 366 4.41 3.88 -21.75
C ILE B 366 4.88 4.31 -23.14
N LYS B 367 5.41 5.54 -23.26
CA LYS B 367 5.94 6.01 -24.55
C LYS B 367 7.13 5.16 -25.03
N LYS B 368 7.99 4.77 -24.09
CA LYS B 368 9.15 3.89 -24.36
C LYS B 368 8.76 2.52 -24.92
N LEU B 369 7.57 2.05 -24.56
CA LEU B 369 7.11 0.72 -24.98
C LEU B 369 6.44 0.71 -26.36
N GLN B 370 6.35 1.88 -26.99
CA GLN B 370 5.80 1.97 -28.34
C GLN B 370 6.85 1.61 -29.40
N HIS B 371 6.48 0.77 -30.37
CA HIS B 371 7.43 0.42 -31.43
C HIS B 371 7.37 1.42 -32.60
N ILE B 372 8.54 1.81 -33.09
CA ILE B 372 8.65 2.73 -34.22
C ILE B 372 8.65 1.87 -35.49
N PRO B 373 7.82 2.23 -36.50
CA PRO B 373 6.96 3.41 -36.58
C PRO B 373 5.64 3.24 -35.83
N MET B 374 5.20 4.30 -35.16
CA MET B 374 3.89 4.33 -34.56
C MET B 374 2.86 4.62 -35.63
N SER B 375 1.64 4.17 -35.40
CA SER B 375 0.50 4.57 -36.21
C SER B 375 0.09 5.98 -35.79
N ALA B 376 -0.58 6.69 -36.70
CA ALA B 376 -0.91 8.11 -36.53
C ALA B 376 -1.63 8.41 -35.23
N ASP B 377 -2.65 7.62 -34.91
CA ASP B 377 -3.48 7.85 -33.72
C ASP B 377 -2.62 7.85 -32.45
N GLU B 378 -1.73 6.87 -32.37
CA GLU B 378 -0.81 6.69 -31.27
C GLU B 378 0.22 7.82 -31.20
N ALA B 379 0.74 8.22 -32.36
CA ALA B 379 1.72 9.30 -32.38
C ALA B 379 1.08 10.64 -32.00
N VAL B 380 -0.15 10.84 -32.44
CA VAL B 380 -0.87 12.09 -32.20
C VAL B 380 -1.13 12.24 -30.69
N CYS B 381 -1.63 11.18 -30.06
CA CYS B 381 -2.01 11.27 -28.65
C CYS B 381 -0.80 11.37 -27.70
N SER B 382 0.27 10.62 -28.00
CA SER B 382 1.46 10.69 -27.19
C SER B 382 2.15 12.05 -27.38
N SER B 383 2.12 12.57 -28.60
CA SER B 383 2.67 13.90 -28.89
C SER B 383 1.91 14.98 -28.15
N ALA B 384 0.59 14.85 -28.11
CA ALA B 384 -0.26 15.84 -27.45
C ALA B 384 0.08 15.90 -25.97
N VAL B 385 0.18 14.73 -25.35
CA VAL B 385 0.59 14.66 -23.94
C VAL B 385 2.01 15.20 -23.77
N ASN B 386 2.91 14.83 -24.67
CA ASN B 386 4.26 15.38 -24.64
C ASN B 386 4.23 16.92 -24.62
N SER B 387 3.43 17.50 -25.50
CA SER B 387 3.29 18.96 -25.59
C SER B 387 2.75 19.60 -24.30
N VAL B 388 1.90 18.88 -23.57
CA VAL B 388 1.43 19.33 -22.26
C VAL B 388 2.62 19.54 -21.35
N TYR B 389 3.51 18.55 -21.30
CA TYR B 389 4.71 18.62 -20.47
C TYR B 389 5.72 19.68 -20.94
N GLU B 390 5.85 19.83 -22.25
CA GLU B 390 6.80 20.79 -22.80
C GLU B 390 6.38 22.25 -22.71
N THR B 391 5.08 22.52 -22.78
CA THR B 391 4.57 23.89 -22.66
C THR B 391 3.97 24.15 -21.30
N LYS B 392 3.99 23.14 -20.43
CA LYS B 392 3.27 23.17 -19.15
C LYS B 392 1.83 23.66 -19.36
N ALA B 393 1.16 23.05 -20.34
CA ALA B 393 -0.25 23.30 -20.61
C ALA B 393 -1.04 22.89 -19.39
N LYS B 394 -2.17 23.56 -19.15
CA LYS B 394 -2.91 23.40 -17.91
C LYS B 394 -4.19 22.60 -18.11
N ALA B 395 -4.54 22.31 -19.37
CA ALA B 395 -5.67 21.43 -19.68
C ALA B 395 -5.49 20.78 -21.03
N MET B 396 -6.24 19.71 -21.27
CA MET B 396 -6.39 19.18 -22.61
C MET B 396 -7.87 19.20 -22.96
N VAL B 397 -8.16 19.39 -24.24
CA VAL B 397 -9.49 19.21 -24.79
C VAL B 397 -9.39 18.18 -25.93
N VAL B 398 -10.16 17.10 -25.79
CA VAL B 398 -10.23 16.03 -26.79
C VAL B 398 -11.66 15.86 -27.29
N LEU B 399 -11.85 16.07 -28.59
CA LEU B 399 -13.11 15.80 -29.24
C LEU B 399 -13.16 14.32 -29.57
N SER B 400 -14.08 13.61 -28.93
CA SER B 400 -14.21 12.19 -29.16
C SER B 400 -15.65 11.77 -29.00
N ASN B 401 -16.25 11.29 -30.09
CA ASN B 401 -17.63 10.85 -30.03
C ASN B 401 -17.81 9.48 -29.35
N THR B 402 -16.91 8.53 -29.62
CA THR B 402 -16.99 7.20 -29.01
C THR B 402 -16.20 7.08 -27.70
N GLY B 403 -15.40 8.11 -27.41
CA GLY B 403 -14.51 8.10 -26.24
C GLY B 403 -13.16 7.44 -26.51
N ARG B 404 -13.01 6.80 -27.66
CA ARG B 404 -11.80 6.05 -27.98
C ARG B 404 -10.49 6.87 -27.88
N SER B 405 -10.47 8.05 -28.46
CA SER B 405 -9.26 8.88 -28.39
C SER B 405 -9.07 9.50 -27.02
N ALA B 406 -10.18 9.73 -26.30
CA ALA B 406 -10.11 10.23 -24.93
C ALA B 406 -9.39 9.21 -24.06
N ARG B 407 -9.68 7.94 -24.28
CA ARG B 407 -9.02 6.86 -23.55
C ARG B 407 -7.54 6.72 -23.97
N LEU B 408 -7.26 6.94 -25.24
CA LEU B 408 -5.91 6.87 -25.79
C LEU B 408 -5.04 8.02 -25.24
N VAL B 409 -5.62 9.21 -25.12
CA VAL B 409 -4.92 10.36 -24.51
C VAL B 409 -4.67 10.12 -23.03
N ALA B 410 -5.69 9.62 -22.32
CA ALA B 410 -5.60 9.37 -20.88
C ALA B 410 -4.55 8.30 -20.55
N LYS B 411 -4.39 7.36 -21.46
CA LYS B 411 -3.39 6.31 -21.36
C LYS B 411 -2.01 6.92 -21.11
N TYR B 412 -1.74 8.07 -21.74
CA TYR B 412 -0.42 8.69 -21.64
C TYR B 412 -0.20 9.58 -20.41
N ARG B 413 -1.24 9.71 -19.57
CA ARG B 413 -1.11 10.36 -18.27
C ARG B 413 -0.48 11.77 -18.31
N PRO B 414 -1.18 12.71 -18.95
CA PRO B 414 -0.76 14.10 -18.80
C PRO B 414 -0.89 14.49 -17.34
N ASN B 415 -0.18 15.54 -16.93
CA ASN B 415 -0.29 16.04 -15.57
C ASN B 415 -1.28 17.22 -15.47
N CYS B 416 -2.33 17.15 -16.27
CA CYS B 416 -3.40 18.14 -16.25
C CYS B 416 -4.71 17.43 -16.56
N PRO B 417 -5.85 18.09 -16.25
CA PRO B 417 -7.16 17.52 -16.52
C PRO B 417 -7.35 17.32 -18.02
N ILE B 418 -8.02 16.24 -18.38
CA ILE B 418 -8.47 16.05 -19.75
C ILE B 418 -9.95 16.38 -19.83
N VAL B 419 -10.32 17.22 -20.78
CA VAL B 419 -11.72 17.49 -21.04
C VAL B 419 -12.13 16.82 -22.35
N CYS B 420 -13.05 15.86 -22.25
CA CYS B 420 -13.58 15.24 -23.46
C CYS B 420 -14.89 15.92 -23.85
N VAL B 421 -14.96 16.38 -25.10
CA VAL B 421 -16.20 16.91 -25.66
C VAL B 421 -16.74 15.87 -26.63
N THR B 422 -17.97 15.42 -26.39
CA THR B 422 -18.57 14.33 -27.16
C THR B 422 -20.03 14.61 -27.50
N THR B 423 -20.52 14.01 -28.58
CA THR B 423 -21.93 14.18 -28.98
C THR B 423 -22.84 13.04 -28.49
N ARG B 424 -22.30 12.19 -27.63
CA ARG B 424 -23.05 11.06 -27.13
C ARG B 424 -23.02 11.04 -25.61
N LEU B 425 -24.21 11.03 -25.01
CA LEU B 425 -24.30 10.94 -23.54
C LEU B 425 -23.75 9.61 -23.03
N GLN B 426 -23.87 8.55 -23.82
CA GLN B 426 -23.31 7.26 -23.41
C GLN B 426 -21.78 7.29 -23.28
N THR B 427 -21.13 8.10 -24.10
CA THR B 427 -19.69 8.31 -23.98
C THR B 427 -19.34 9.02 -22.67
N CYS B 428 -20.11 10.05 -22.29
CA CYS B 428 -19.92 10.75 -21.03
C CYS B 428 -19.96 9.80 -19.82
N ARG B 429 -20.89 8.84 -19.86
CA ARG B 429 -21.08 7.90 -18.75
C ARG B 429 -19.94 6.91 -18.72
N GLN B 430 -19.64 6.32 -19.87
CA GLN B 430 -18.60 5.30 -20.00
C GLN B 430 -17.19 5.82 -19.71
N LEU B 431 -16.96 7.10 -19.96
CA LEU B 431 -15.67 7.68 -19.62
C LEU B 431 -15.49 7.81 -18.10
N ASN B 432 -16.55 7.59 -17.34
CA ASN B 432 -16.46 7.65 -15.87
C ASN B 432 -15.56 6.57 -15.26
N ILE B 433 -15.16 5.58 -16.06
CA ILE B 433 -14.19 4.58 -15.58
C ILE B 433 -12.76 4.81 -16.09
N THR B 434 -12.52 5.98 -16.69
CA THR B 434 -11.19 6.35 -17.17
C THR B 434 -10.66 7.54 -16.35
N GLN B 435 -9.49 7.38 -15.74
CA GLN B 435 -8.95 8.42 -14.90
C GLN B 435 -8.56 9.67 -15.70
N GLY B 436 -8.75 10.81 -15.05
CA GLY B 436 -8.18 12.08 -15.53
C GLY B 436 -9.07 12.77 -16.53
N VAL B 437 -10.23 12.18 -16.79
CA VAL B 437 -11.10 12.69 -17.85
C VAL B 437 -12.42 13.20 -17.29
N GLU B 438 -12.82 14.39 -17.73
CA GLU B 438 -14.19 14.87 -17.52
C GLU B 438 -14.85 15.10 -18.87
N SER B 439 -16.12 14.74 -18.96
CA SER B 439 -16.83 14.77 -20.24
C SER B 439 -17.79 15.94 -20.32
N VAL B 440 -17.90 16.50 -21.51
CA VAL B 440 -18.83 17.59 -21.76
C VAL B 440 -19.71 17.15 -22.91
N PHE B 441 -21.01 17.15 -22.68
CA PHE B 441 -21.97 16.78 -23.72
C PHE B 441 -22.23 17.95 -24.65
N PHE B 442 -21.99 17.73 -25.94
CA PHE B 442 -22.33 18.71 -26.95
C PHE B 442 -23.50 18.15 -27.77
N ASP B 443 -24.62 18.85 -27.74
CA ASP B 443 -25.87 18.34 -28.31
C ASP B 443 -25.99 18.71 -29.80
N ALA B 444 -25.55 17.81 -30.67
CA ALA B 444 -25.59 18.01 -32.12
C ALA B 444 -27.00 18.28 -32.68
N ASP B 445 -28.03 17.75 -32.01
CA ASP B 445 -29.42 18.01 -32.38
C ASP B 445 -29.84 19.44 -32.07
N LYS B 446 -29.50 19.89 -30.86
CA LYS B 446 -29.90 21.21 -30.39
C LYS B 446 -28.97 22.30 -30.91
N LEU B 447 -27.78 21.93 -31.38
CA LEU B 447 -26.74 22.91 -31.70
C LEU B 447 -26.07 22.81 -33.08
N GLY B 448 -26.38 21.76 -33.85
CA GLY B 448 -25.77 21.58 -35.17
C GLY B 448 -24.62 20.58 -35.15
N HIS B 449 -24.09 20.25 -36.33
CA HIS B 449 -23.09 19.18 -36.45
C HIS B 449 -21.66 19.66 -36.27
N ASP B 450 -21.47 20.97 -36.19
CA ASP B 450 -20.17 21.58 -35.88
C ASP B 450 -19.02 20.88 -36.62
N GLU B 451 -19.18 20.72 -37.93
CA GLU B 451 -18.19 20.01 -38.76
C GLU B 451 -16.80 20.65 -38.72
N GLY B 452 -16.75 21.96 -38.49
CA GLY B 452 -15.49 22.68 -38.35
C GLY B 452 -14.84 22.54 -36.98
N LYS B 453 -15.59 21.99 -36.02
CA LYS B 453 -15.08 21.70 -34.66
C LYS B 453 -15.00 22.89 -33.69
N GLU B 454 -15.17 24.11 -34.18
CA GLU B 454 -14.92 25.32 -33.38
C GLU B 454 -15.80 25.44 -32.12
N HIS B 455 -17.08 25.09 -32.24
CA HIS B 455 -18.02 25.19 -31.12
C HIS B 455 -17.71 24.18 -30.02
N ARG B 456 -17.42 22.94 -30.42
CA ARG B 456 -17.05 21.91 -29.47
C ARG B 456 -15.76 22.29 -28.74
N VAL B 457 -14.80 22.84 -29.48
CA VAL B 457 -13.54 23.28 -28.89
C VAL B 457 -13.77 24.39 -27.86
N ALA B 458 -14.65 25.33 -28.19
CA ALA B 458 -15.01 26.40 -27.25
C ALA B 458 -15.76 25.88 -26.02
N ALA B 459 -16.61 24.88 -26.22
CA ALA B 459 -17.31 24.22 -25.11
C ALA B 459 -16.34 23.57 -24.12
N GLY B 460 -15.34 22.88 -24.64
CA GLY B 460 -14.33 22.22 -23.80
C GLY B 460 -13.45 23.23 -23.08
N VAL B 461 -13.03 24.25 -23.82
CA VAL B 461 -12.22 25.33 -23.26
C VAL B 461 -12.98 26.06 -22.16
N GLU B 462 -14.26 26.31 -22.41
CA GLU B 462 -15.13 27.01 -21.45
C GLU B 462 -15.35 26.19 -20.18
N PHE B 463 -15.51 24.88 -20.35
CA PHE B 463 -15.65 23.99 -19.22
C PHE B 463 -14.39 24.04 -18.37
N ALA B 464 -13.23 23.87 -19.01
CA ALA B 464 -11.93 23.91 -18.35
C ALA B 464 -11.75 25.19 -17.55
N LYS B 465 -12.15 26.30 -18.18
CA LYS B 465 -12.08 27.63 -17.58
C LYS B 465 -13.02 27.80 -16.37
N SER B 466 -14.23 27.25 -16.47
CA SER B 466 -15.20 27.37 -15.39
C SER B 466 -14.85 26.52 -14.15
N LYS B 467 -14.01 25.49 -14.34
CA LYS B 467 -13.50 24.69 -13.22
C LYS B 467 -12.19 25.25 -12.67
N GLY B 468 -11.71 26.32 -13.29
CA GLY B 468 -10.48 27.01 -12.87
C GLY B 468 -9.18 26.35 -13.29
N TYR B 469 -9.26 25.41 -14.24
CA TYR B 469 -8.06 24.71 -14.71
C TYR B 469 -7.17 25.63 -15.53
N VAL B 470 -7.80 26.39 -16.43
CA VAL B 470 -7.09 27.36 -17.26
C VAL B 470 -7.65 28.76 -17.09
N GLN B 471 -6.76 29.75 -17.17
CA GLN B 471 -7.17 31.14 -17.30
C GLN B 471 -6.51 31.79 -18.52
N THR B 472 -6.87 33.05 -18.75
CA THR B 472 -6.29 33.86 -19.80
C THR B 472 -4.78 33.75 -19.78
N GLY B 473 -4.21 33.39 -20.92
CA GLY B 473 -2.76 33.31 -21.06
C GLY B 473 -2.18 31.94 -20.76
N ASP B 474 -3.04 30.98 -20.43
CA ASP B 474 -2.62 29.60 -20.22
C ASP B 474 -2.62 28.84 -21.56
N TYR B 475 -1.91 27.72 -21.59
CA TYR B 475 -1.98 26.84 -22.75
C TYR B 475 -2.95 25.69 -22.51
N CYS B 476 -3.66 25.35 -23.57
CA CYS B 476 -4.54 24.22 -23.61
C CYS B 476 -4.22 23.43 -24.86
N VAL B 477 -4.07 22.12 -24.73
CA VAL B 477 -3.76 21.27 -25.89
C VAL B 477 -5.04 20.61 -26.40
N VAL B 478 -5.34 20.87 -27.66
CA VAL B 478 -6.57 20.40 -28.28
C VAL B 478 -6.26 19.30 -29.28
N ILE B 479 -6.99 18.20 -29.21
CA ILE B 479 -6.87 17.16 -30.23
C ILE B 479 -8.24 16.76 -30.81
N HIS B 480 -8.27 16.46 -32.10
CA HIS B 480 -9.52 16.08 -32.79
C HIS B 480 -9.29 15.41 -34.13
N ALA B 481 -10.36 14.79 -34.64
CA ALA B 481 -10.40 14.25 -35.99
C ALA B 481 -10.62 15.39 -36.99
N LYS B 486 -11.63 10.26 -42.29
CA LYS B 486 -11.91 10.69 -40.92
C LYS B 486 -12.36 9.51 -40.06
N GLY B 487 -11.67 9.33 -38.94
CA GLY B 487 -11.97 8.25 -38.00
C GLY B 487 -11.45 8.58 -36.60
N TYR B 488 -10.12 8.59 -36.47
CA TYR B 488 -9.45 8.90 -35.19
C TYR B 488 -8.99 10.36 -35.16
N ALA B 489 -8.36 10.76 -34.06
CA ALA B 489 -7.81 12.11 -33.96
C ALA B 489 -6.42 12.21 -34.61
N ASN B 490 -6.32 13.06 -35.64
CA ASN B 490 -5.12 13.19 -36.46
C ASN B 490 -4.55 14.59 -36.37
N GLN B 491 -5.25 15.44 -35.62
CA GLN B 491 -5.02 16.88 -35.58
C GLN B 491 -4.78 17.41 -34.16
N THR B 492 -3.76 18.23 -34.02
CA THR B 492 -3.39 18.80 -32.72
C THR B 492 -3.26 20.31 -32.82
N ARG B 493 -3.68 20.99 -31.75
CA ARG B 493 -3.52 22.43 -31.64
C ARG B 493 -3.03 22.77 -30.25
N ILE B 494 -2.13 23.74 -30.19
CA ILE B 494 -1.76 24.34 -28.91
C ILE B 494 -2.35 25.74 -28.88
N LEU B 495 -3.34 25.92 -28.00
CA LEU B 495 -4.17 27.11 -27.98
C LEU B 495 -3.82 27.97 -26.78
N LEU B 496 -3.68 29.28 -27.01
CA LEU B 496 -3.49 30.24 -25.93
C LEU B 496 -4.87 30.66 -25.43
N VAL B 497 -5.17 30.35 -24.17
CA VAL B 497 -6.47 30.67 -23.58
C VAL B 497 -6.70 32.18 -23.51
N GLU B 498 -7.84 32.62 -24.05
CA GLU B 498 -8.18 34.03 -24.11
C GLU B 498 -8.77 34.54 -22.80
#